data_9W9I
#
_entry.id   9W9I
#
_cell.length_a   1.00
_cell.length_b   1.00
_cell.length_c   1.00
_cell.angle_alpha   90.00
_cell.angle_beta   90.00
_cell.angle_gamma   90.00
#
_symmetry.space_group_name_H-M   'P 1'
#
loop_
_entity.id
_entity.type
_entity.pdbx_description
1 polymer 'Kinesin-like protein KIF3A'
2 polymer 'Kinesin-like protein KIF3B, N-terminally processed'
3 polymer 'Kinesin-associated protein 3'
4 polymer 'Adenomatous polyposis coli protein'
#
loop_
_entity_poly.entity_id
_entity_poly.type
_entity_poly.pdbx_seq_one_letter_code
_entity_poly.pdbx_strand_id
1 'polypeptide(L)'
;MGSSHHHHHHSQSLQEEAQGKTKKLKKVWTMLMAAKSEMADLQQEHQREIEGLLENIRQLSRELRLQMLIIDNFIPQDYQ
EMIENYVHWNEDIGEWQLKCVAYTGNNMRKQTPVPDKKERDPFEVDLSHVYLAYTEESLRQSLMKLERPRTSKGKARPKM
GRRKRSAKPETVIDSLLQ
;
A
2 'polypeptide(L)'
;MSLQQEVDIKTKKLKKLFSKLQAVKAEIHDLQEEHIKERQELEQTQNELTRELKLKHLIIENFIPLEEKNKIMNRSFFDD
EEDHWKLHPITRLENQQMMKRPVSAVGYKRPLSQHARMSMMIRPEPRYRAENIMLLELDMPSRTTRDYEGPAISPKVQAA
LDAALQDEDEIQVDASSFESTASRKPKARPKSGRKSGSSSSSSGNPASQFYPQSRGLVPK
;
B
3 'polypeptide(L)'
;MQGEDARYLKRKVKGGNIDVHPSEKALIVQYEVEATILGEMGDPMLGERKECQKIIRLKSLNANTDITSLARKVVEECKL
IHPSKLSEVEQLLYYLQNRRDSLPGKEKKEKSSKPKDPPPFEGMEIDEVANINDMDEYIELLYEDIPDKVRGSALILQLA
RNPDNLEELLLNETALGALARVLREDWKQSVELATNIIYIFFCFSSFSHFHGLITHYKIGALCMNIIDHELKRHELWQEE
LSKKKKAVDEDLENQTLRKDYDKTFKKYQGLVVKQEQLLRVALYLLLNLAEDTRTELKMRNKNIVHMLVKALDRDNFELL
ILVVSFLKKLSIFMENKNDMVEMDIVEKLVKMIPCEHEDLLNITLRLLLNLSFDTGLRNKMVQVGLLPKLTALLGNENYK
QIAMCVLYHISMDDRFKSMFAYTDCIPQLMKMLFECSDERIDLELISFCINLAANKRNVQLICEGNGLKMLMKRALKLKD
PLLMKMIRNISQHDGPTKNLFIDYVGDLAAQISSDEEEEFVIECLGTLANLTIPDLDWELVLKEYKLVPFLKDKLKPGAA
EDDLVLEVVIMIGTVSMDDSCAALLAKSGIIPALIELLNAQQEDDEFVCQIIYVFYQMVFHQATRDVIIKETQAPAYLID
LMHDKNNEIRKVCDNTLDIIAEYDEEWAKKIQSEKFRWHNSQWLEMVESRQLD
;
C
4 'polypeptide(L)'
;MHHHHHHSQDSCISMRQSGCLPLLIQLLHGNDKDSVLLGNSRGSKEARARASAALHNIIHSQPDDKRGRREIRVLHLLEQ
IRAYCETCWEWQEAHEQGMDQDKNPMPAPVEHQICPAVCVLMKLSFDEEHRHAMNELGGLQAIAELLQVDCEMYGLTNDH
YSVTLRRYAGMALTNLTFGDVANKATLCSMKGCMRALVAQLKSESEDLQQVIASVLRNLSWRADVNSKKTLREVGSVKAL
MECALEVKKESTLKSVLSALWNLSAHCTENKADICAVDGALAFLVGTLTYRSQTNTLAIIESGGGILRNVSSLIATNEDH
RQILRENNCLQTLLQHLKSHSLTIVSNACGTLWNLSARNPKDQEALWDMGAVSMLKNLIHSKHKMIAMGSAAALRNLMAN
RPAKYKDANIMSPGSSLPSLHVRKQKALEAELDAQHLSETFDNIDNLSPKASHRSKQRHKQNLYGDYAFDANRHDDSRSD
NFNTGNMTVLSPYLNTTVLPSSSSSRGSLDSSRSEKDRSLERERGIGLSAYHPTTENAGTSSKRGLQITTTAAQIAKVME
EVSAIHTSQDDRSSASTTEFHCVADDRSAARRSSASHTHSNTYNFTKSENSNRTCSMPYAKVEYKRSSNDSLNSVTSSDG
YGKRGQMKPSVESYSEDDESKFCSYGQYPADLAHKIHSAN
;
D
#
# COMPACT_ATOMS: atom_id res chain seq x y z
N HIS A 46 -53.41 -33.28 -3.54
CA HIS A 46 -52.25 -34.11 -3.83
C HIS A 46 -51.65 -33.75 -5.19
N GLN A 47 -52.49 -33.21 -6.08
CA GLN A 47 -52.01 -32.77 -7.38
C GLN A 47 -51.01 -31.63 -7.25
N ARG A 48 -51.29 -30.67 -6.37
CA ARG A 48 -50.35 -29.58 -6.14
C ARG A 48 -49.05 -30.09 -5.55
N GLU A 49 -49.14 -31.07 -4.64
CA GLU A 49 -47.93 -31.65 -4.04
C GLU A 49 -47.09 -32.35 -5.11
N ILE A 50 -47.73 -33.11 -5.98
CA ILE A 50 -47.00 -33.80 -7.05
C ILE A 50 -46.37 -32.79 -8.01
N GLU A 51 -47.11 -31.72 -8.33
CA GLU A 51 -46.55 -30.69 -9.21
C GLU A 51 -45.34 -30.01 -8.57
N GLY A 52 -45.42 -29.71 -7.27
CA GLY A 52 -44.28 -29.12 -6.59
C GLY A 52 -43.09 -30.07 -6.54
N LEU A 53 -43.36 -31.36 -6.32
CA LEU A 53 -42.28 -32.35 -6.32
C LEU A 53 -41.62 -32.43 -7.69
N LEU A 54 -42.42 -32.42 -8.76
CA LEU A 54 -41.87 -32.46 -10.10
C LEU A 54 -41.04 -31.21 -10.39
N GLU A 55 -41.53 -30.05 -9.95
CA GLU A 55 -40.76 -28.82 -10.12
C GLU A 55 -39.44 -28.88 -9.38
N ASN A 56 -39.45 -29.46 -8.17
CA ASN A 56 -38.21 -29.63 -7.42
C ASN A 56 -37.25 -30.57 -8.15
N ILE A 57 -37.79 -31.65 -8.74
CA ILE A 57 -36.94 -32.55 -9.52
C ILE A 57 -36.32 -31.80 -10.68
N ARG A 58 -37.12 -30.99 -11.38
CA ARG A 58 -36.61 -30.26 -12.53
C ARG A 58 -35.51 -29.29 -12.13
N GLN A 59 -35.72 -28.55 -11.04
CA GLN A 59 -34.71 -27.61 -10.59
C GLN A 59 -33.43 -28.33 -10.17
N LEU A 60 -33.57 -29.45 -9.45
CA LEU A 60 -32.40 -30.20 -9.03
C LEU A 60 -31.64 -30.75 -10.21
N SER A 61 -32.35 -31.25 -11.22
CA SER A 61 -31.70 -31.75 -12.41
C SER A 61 -30.96 -30.64 -13.15
N ARG A 62 -31.59 -29.48 -13.27
CA ARG A 62 -30.91 -28.36 -13.92
C ARG A 62 -29.64 -27.99 -13.18
N GLU A 63 -29.73 -27.91 -11.85
CA GLU A 63 -28.58 -27.51 -11.05
C GLU A 63 -27.45 -28.53 -11.19
N LEU A 64 -27.78 -29.82 -11.13
CA LEU A 64 -26.71 -30.79 -11.18
C LEU A 64 -26.12 -30.87 -12.58
N ARG A 65 -26.91 -30.64 -13.62
CA ARG A 65 -26.37 -30.60 -14.97
C ARG A 65 -25.38 -29.45 -15.12
N LEU A 66 -25.74 -28.28 -14.57
CA LEU A 66 -24.80 -27.16 -14.58
C LEU A 66 -23.52 -27.51 -13.83
N GLN A 67 -23.66 -28.17 -12.68
CA GLN A 67 -22.48 -28.54 -11.91
C GLN A 67 -21.59 -29.50 -12.68
N MET A 68 -22.20 -30.47 -13.37
CA MET A 68 -21.38 -31.35 -14.21
C MET A 68 -20.71 -30.58 -15.33
N LEU A 69 -21.39 -29.56 -15.88
CA LEU A 69 -20.72 -28.74 -16.87
C LEU A 69 -19.44 -28.17 -16.30
N ILE A 70 -19.52 -27.51 -15.14
CA ILE A 70 -18.35 -26.88 -14.56
C ILE A 70 -17.27 -27.91 -14.26
N ILE A 71 -17.68 -29.06 -13.72
CA ILE A 71 -16.70 -30.09 -13.39
C ILE A 71 -16.05 -30.63 -14.66
N ASP A 72 -16.74 -30.55 -15.80
CA ASP A 72 -16.13 -30.96 -17.05
C ASP A 72 -15.12 -29.94 -17.56
N ASN A 73 -15.43 -28.64 -17.46
CA ASN A 73 -14.42 -27.69 -17.92
C ASN A 73 -13.25 -27.56 -16.97
N PHE A 74 -13.37 -27.99 -15.71
CA PHE A 74 -12.20 -27.92 -14.84
C PHE A 74 -11.49 -29.26 -14.68
N ILE A 75 -12.16 -30.28 -14.17
CA ILE A 75 -11.51 -31.53 -13.78
C ILE A 75 -11.65 -32.53 -14.91
N PRO A 76 -10.57 -33.18 -15.34
CA PRO A 76 -10.68 -34.20 -16.38
C PRO A 76 -11.47 -35.40 -15.88
N GLN A 77 -11.93 -36.21 -16.85
CA GLN A 77 -12.72 -37.39 -16.50
C GLN A 77 -11.89 -38.39 -15.71
N ASP A 78 -10.61 -38.54 -16.06
CA ASP A 78 -9.76 -39.46 -15.33
C ASP A 78 -9.66 -39.08 -13.85
N TYR A 79 -9.48 -37.79 -13.56
CA TYR A 79 -9.37 -37.36 -12.17
C TYR A 79 -10.72 -37.15 -11.51
N GLN A 80 -11.80 -37.02 -12.28
CA GLN A 80 -13.12 -37.19 -11.71
C GLN A 80 -13.29 -38.61 -11.18
N GLU A 81 -12.81 -39.61 -11.93
CA GLU A 81 -12.89 -40.98 -11.47
C GLU A 81 -11.96 -41.24 -10.28
N MET A 82 -10.74 -40.70 -10.32
CA MET A 82 -9.84 -40.86 -9.18
C MET A 82 -10.41 -40.22 -7.93
N ILE A 83 -11.02 -39.04 -8.06
CA ILE A 83 -11.62 -38.39 -6.90
C ILE A 83 -12.75 -39.24 -6.33
N GLU A 84 -13.54 -39.88 -7.20
CA GLU A 84 -14.67 -40.67 -6.73
C GLU A 84 -14.25 -41.89 -5.91
N ASN A 85 -12.99 -42.32 -6.03
CA ASN A 85 -12.50 -43.44 -5.23
C ASN A 85 -12.03 -43.03 -3.84
N TYR A 86 -11.84 -41.74 -3.60
CA TYR A 86 -11.40 -41.22 -2.32
C TYR A 86 -12.50 -40.45 -1.61
N VAL A 87 -13.76 -40.78 -1.87
CA VAL A 87 -14.87 -40.12 -1.20
C VAL A 87 -15.89 -41.17 -0.79
N HIS A 88 -16.50 -40.96 0.38
CA HIS A 88 -17.38 -41.94 1.00
C HIS A 88 -18.65 -41.24 1.47
N TRP A 89 -19.74 -42.01 1.58
CA TRP A 89 -21.04 -41.48 1.98
C TRP A 89 -21.36 -41.88 3.41
N ASN A 90 -21.59 -40.88 4.26
CA ASN A 90 -22.03 -41.10 5.64
C ASN A 90 -23.52 -40.85 5.70
N GLU A 91 -24.30 -41.94 5.80
CA GLU A 91 -25.75 -41.82 5.79
C GLU A 91 -26.28 -41.23 7.09
N ASP A 92 -25.60 -41.47 8.21
CA ASP A 92 -26.07 -40.97 9.50
C ASP A 92 -26.08 -39.45 9.54
N ILE A 93 -25.03 -38.82 9.03
CA ILE A 93 -24.94 -37.37 9.06
C ILE A 93 -25.48 -36.73 7.78
N GLY A 94 -25.67 -37.51 6.72
CA GLY A 94 -26.14 -36.95 5.46
C GLY A 94 -25.15 -36.01 4.80
N GLU A 95 -23.88 -36.38 4.77
CA GLU A 95 -22.85 -35.55 4.16
C GLU A 95 -21.74 -36.42 3.62
N TRP A 96 -20.99 -35.87 2.66
CA TRP A 96 -19.87 -36.57 2.06
C TRP A 96 -18.69 -36.61 3.01
N GLN A 97 -17.68 -37.37 2.60
CA GLN A 97 -16.42 -37.45 3.33
C GLN A 97 -15.29 -37.54 2.31
N LEU A 98 -14.40 -36.57 2.33
CA LEU A 98 -13.30 -36.52 1.37
C LEU A 98 -11.98 -36.73 2.11
N LYS A 99 -11.35 -37.87 1.88
CA LYS A 99 -10.10 -38.17 2.55
C LYS A 99 -9.05 -37.12 2.18
N CYS A 100 -8.22 -36.78 3.15
CA CYS A 100 -7.24 -35.69 3.03
C CYS A 100 -7.94 -34.38 2.66
N VAL A 101 -9.01 -34.07 3.40
CA VAL A 101 -9.69 -32.79 3.22
C VAL A 101 -8.78 -31.65 3.61
N ALA A 102 -7.70 -31.95 4.34
CA ALA A 102 -6.71 -30.94 4.67
C ALA A 102 -5.59 -30.88 3.64
N TYR A 103 -5.69 -31.62 2.54
CA TYR A 103 -4.69 -31.54 1.49
C TYR A 103 -5.23 -31.05 0.15
N THR A 104 -6.52 -30.73 0.05
CA THR A 104 -7.04 -30.28 -1.22
C THR A 104 -6.48 -28.90 -1.57
N GLY A 105 -6.58 -28.55 -2.85
CA GLY A 105 -6.01 -27.29 -3.31
C GLY A 105 -6.73 -26.07 -2.76
N ASN A 106 -8.05 -26.14 -2.64
CA ASN A 106 -8.82 -24.98 -2.20
C ASN A 106 -8.48 -24.55 -0.78
N PRO A 122 8.78 0.80 -6.67
CA PRO A 122 10.16 1.13 -7.09
C PRO A 122 10.28 2.41 -7.88
N PHE A 123 9.24 2.80 -8.61
CA PHE A 123 9.28 4.01 -9.43
C PHE A 123 8.82 5.24 -8.68
N GLU A 124 8.57 5.13 -7.37
CA GLU A 124 8.19 6.28 -6.57
C GLU A 124 9.28 7.34 -6.60
N VAL A 125 8.88 8.59 -6.80
CA VAL A 125 9.83 9.68 -6.88
C VAL A 125 10.44 9.92 -5.50
N ASP A 126 11.77 9.83 -5.42
CA ASP A 126 12.49 10.03 -4.17
C ASP A 126 13.69 10.93 -4.45
N LEU A 127 13.53 12.23 -4.23
CA LEU A 127 14.60 13.19 -4.35
C LEU A 127 15.29 13.47 -3.01
N SER A 128 15.23 12.54 -2.06
CA SER A 128 15.90 12.72 -0.79
C SER A 128 17.40 12.45 -0.85
N HIS A 129 17.88 11.84 -1.93
CA HIS A 129 19.31 11.56 -2.06
C HIS A 129 20.14 12.82 -2.30
N VAL A 130 19.49 13.93 -2.69
CA VAL A 130 20.22 15.13 -3.10
C VAL A 130 20.91 15.82 -1.93
N TYR A 131 20.27 15.88 -0.76
CA TYR A 131 20.82 16.50 0.43
C TYR A 131 21.67 15.52 1.21
N LEU A 132 22.83 15.98 1.66
CA LEU A 132 23.81 15.15 2.35
C LEU A 132 23.34 14.74 3.74
N HIS B 35 -50.30 -43.85 -4.36
CA HIS B 35 -49.69 -42.54 -4.19
C HIS B 35 -48.48 -42.62 -3.26
N ILE B 36 -48.57 -43.49 -2.24
CA ILE B 36 -47.49 -43.63 -1.28
C ILE B 36 -46.24 -44.18 -1.96
N LYS B 37 -46.41 -45.21 -2.81
CA LYS B 37 -45.27 -45.79 -3.51
C LYS B 37 -44.64 -44.77 -4.46
N GLU B 38 -45.45 -44.01 -5.18
CA GLU B 38 -44.93 -42.98 -6.07
C GLU B 38 -44.17 -41.92 -5.29
N ARG B 39 -44.72 -41.50 -4.14
CA ARG B 39 -44.03 -40.50 -3.33
C ARG B 39 -42.71 -41.04 -2.79
N GLN B 40 -42.68 -42.30 -2.37
CA GLN B 40 -41.43 -42.88 -1.89
C GLN B 40 -40.39 -42.95 -2.99
N GLU B 41 -40.79 -43.37 -4.19
CA GLU B 41 -39.85 -43.41 -5.31
C GLU B 41 -39.35 -42.02 -5.65
N LEU B 42 -40.24 -41.03 -5.66
CA LEU B 42 -39.83 -39.66 -5.94
C LEU B 42 -38.86 -39.15 -4.87
N GLU B 43 -39.12 -39.47 -3.60
CA GLU B 43 -38.22 -39.04 -2.54
C GLU B 43 -36.86 -39.71 -2.66
N GLN B 44 -36.83 -40.97 -3.07
CA GLN B 44 -35.55 -41.62 -3.38
C GLN B 44 -34.84 -40.89 -4.51
N THR B 45 -35.59 -40.47 -5.52
CA THR B 45 -34.99 -39.69 -6.60
C THR B 45 -34.39 -38.40 -6.07
N GLN B 46 -35.12 -37.69 -5.20
CA GLN B 46 -34.58 -36.45 -4.63
C GLN B 46 -33.32 -36.73 -3.83
N ASN B 47 -33.33 -37.80 -3.05
CA ASN B 47 -32.17 -38.15 -2.25
C ASN B 47 -30.95 -38.38 -3.14
N GLU B 48 -31.13 -39.12 -4.23
CA GLU B 48 -30.02 -39.36 -5.14
C GLU B 48 -29.59 -38.09 -5.87
N LEU B 49 -30.54 -37.21 -6.18
CA LEU B 49 -30.21 -35.96 -6.87
C LEU B 49 -29.35 -35.08 -5.98
N THR B 50 -29.76 -34.85 -4.74
CA THR B 50 -28.93 -34.07 -3.84
C THR B 50 -27.65 -34.82 -3.45
N ARG B 51 -27.70 -36.15 -3.50
CA ARG B 51 -26.51 -36.98 -3.34
C ARG B 51 -25.43 -36.56 -4.32
N GLU B 52 -25.73 -36.66 -5.61
CA GLU B 52 -24.75 -36.31 -6.63
C GLU B 52 -24.48 -34.81 -6.69
N LEU B 53 -25.49 -34.00 -6.34
CA LEU B 53 -25.28 -32.56 -6.28
C LEU B 53 -24.26 -32.19 -5.22
N LYS B 54 -24.35 -32.82 -4.06
CA LYS B 54 -23.36 -32.61 -3.02
C LYS B 54 -22.00 -33.14 -3.44
N LEU B 55 -21.98 -34.25 -4.18
CA LEU B 55 -20.72 -34.72 -4.74
C LEU B 55 -20.05 -33.61 -5.57
N LYS B 56 -20.80 -33.04 -6.50
CA LYS B 56 -20.25 -32.01 -7.36
C LYS B 56 -19.84 -30.78 -6.55
N HIS B 57 -20.68 -30.38 -5.60
CA HIS B 57 -20.39 -29.20 -4.80
C HIS B 57 -19.11 -29.38 -3.99
N LEU B 58 -18.95 -30.54 -3.35
CA LEU B 58 -17.75 -30.80 -2.57
C LEU B 58 -16.52 -30.83 -3.47
N ILE B 59 -16.63 -31.48 -4.64
CA ILE B 59 -15.49 -31.54 -5.53
C ILE B 59 -15.08 -30.14 -5.97
N ILE B 60 -16.06 -29.28 -6.27
CA ILE B 60 -15.76 -27.92 -6.68
C ILE B 60 -15.15 -27.14 -5.50
N GLU B 61 -15.75 -27.27 -4.32
CA GLU B 61 -15.33 -26.51 -3.15
C GLU B 61 -14.00 -26.98 -2.60
N ASN B 62 -13.47 -28.11 -3.08
CA ASN B 62 -12.13 -28.53 -2.68
C ASN B 62 -11.11 -28.44 -3.79
N PHE B 63 -11.50 -28.59 -5.06
CA PHE B 63 -10.55 -28.77 -6.14
C PHE B 63 -10.61 -27.68 -7.20
N ILE B 64 -11.62 -26.81 -7.17
CA ILE B 64 -11.81 -25.80 -8.21
C ILE B 64 -11.73 -24.42 -7.55
N PRO B 65 -10.91 -23.51 -8.07
CA PRO B 65 -10.84 -22.16 -7.50
C PRO B 65 -12.14 -21.39 -7.71
N LEU B 66 -12.24 -20.25 -7.03
CA LEU B 66 -13.39 -19.38 -7.18
C LEU B 66 -13.34 -18.61 -8.50
N GLU B 67 -12.15 -18.21 -8.93
CA GLU B 67 -12.01 -17.40 -10.14
C GLU B 67 -12.48 -18.18 -11.37
N GLU B 68 -12.08 -19.44 -11.47
CA GLU B 68 -12.47 -20.24 -12.63
C GLU B 68 -13.95 -20.58 -12.58
N LYS B 69 -14.48 -20.81 -11.38
CA LYS B 69 -15.92 -20.99 -11.23
C LYS B 69 -16.66 -19.77 -11.74
N ASN B 70 -16.21 -18.57 -11.37
CA ASN B 70 -16.85 -17.35 -11.82
C ASN B 70 -16.72 -17.18 -13.33
N LYS B 71 -15.55 -17.52 -13.88
CA LYS B 71 -15.35 -17.44 -15.33
C LYS B 71 -16.35 -18.32 -16.06
N ILE B 72 -16.44 -19.59 -15.66
CA ILE B 72 -17.33 -20.52 -16.34
C ILE B 72 -18.80 -20.12 -16.11
N MET B 73 -19.11 -19.58 -14.93
CA MET B 73 -20.47 -19.14 -14.65
C MET B 73 -20.86 -17.98 -15.57
N ASN B 74 -19.95 -17.01 -15.75
CA ASN B 74 -20.23 -15.91 -16.66
C ASN B 74 -20.35 -16.38 -18.09
N ARG B 75 -19.52 -17.33 -18.51
CA ARG B 75 -19.55 -17.77 -19.90
C ARG B 75 -20.79 -18.60 -20.21
N SER B 76 -21.19 -19.46 -19.29
CA SER B 76 -22.21 -20.46 -19.59
C SER B 76 -23.60 -19.82 -19.70
N PHE B 77 -24.51 -20.55 -20.34
CA PHE B 77 -25.90 -20.16 -20.44
C PHE B 77 -26.72 -21.41 -20.72
N PHE B 78 -27.95 -21.43 -20.22
CA PHE B 78 -28.83 -22.59 -20.37
C PHE B 78 -29.68 -22.45 -21.63
N ASP B 79 -29.77 -23.53 -22.39
CA ASP B 79 -30.59 -23.58 -23.60
C ASP B 79 -31.87 -24.33 -23.29
N ASP B 80 -33.01 -23.64 -23.41
CA ASP B 80 -34.30 -24.26 -23.11
C ASP B 80 -34.74 -25.22 -24.22
N GLU B 81 -34.35 -24.95 -25.46
CA GLU B 81 -34.80 -25.78 -26.57
C GLU B 81 -34.20 -27.18 -26.50
N GLU B 82 -32.90 -27.27 -26.27
CA GLU B 82 -32.20 -28.56 -26.21
C GLU B 82 -32.16 -29.13 -24.79
N ASP B 83 -32.66 -28.39 -23.80
CA ASP B 83 -32.75 -28.86 -22.42
C ASP B 83 -31.39 -29.29 -21.87
N HIS B 84 -30.37 -28.47 -22.12
CA HIS B 84 -29.06 -28.71 -21.54
C HIS B 84 -28.30 -27.39 -21.49
N TRP B 85 -27.30 -27.34 -20.62
CA TRP B 85 -26.48 -26.15 -20.46
C TRP B 85 -25.43 -26.05 -21.56
N LYS B 86 -25.21 -24.83 -22.04
CA LYS B 86 -24.24 -24.55 -23.08
C LYS B 86 -23.28 -23.45 -22.62
N LEU B 87 -22.33 -23.14 -23.49
CA LEU B 87 -21.38 -22.06 -23.27
C LEU B 87 -21.48 -21.05 -24.41
N HIS B 88 -21.50 -19.77 -24.06
CA HIS B 88 -21.27 -18.72 -25.05
C HIS B 88 -19.80 -18.68 -25.42
N PRO B 89 -19.44 -18.92 -26.68
CA PRO B 89 -18.03 -18.78 -27.07
C PRO B 89 -17.58 -17.34 -26.88
N ILE B 90 -16.33 -17.17 -26.45
CA ILE B 90 -15.79 -15.85 -26.21
C ILE B 90 -15.72 -15.05 -27.50
N THR B 91 -15.19 -15.65 -28.55
CA THR B 91 -15.05 -14.97 -29.83
C THR B 91 -16.39 -14.66 -30.47
N ARG B 92 -17.46 -15.34 -30.05
CA ARG B 92 -18.80 -15.10 -30.57
C ARG B 92 -19.70 -14.41 -29.55
N LEU B 93 -19.14 -13.87 -28.48
CA LEU B 93 -19.92 -13.06 -27.55
C LEU B 93 -20.39 -11.78 -28.23
N GLU B 94 -21.53 -11.26 -27.78
CA GLU B 94 -22.05 -10.02 -28.32
C GLU B 94 -21.11 -8.85 -28.05
N ASN B 95 -20.52 -8.81 -26.87
CA ASN B 95 -19.55 -7.77 -26.52
C ASN B 95 -18.18 -8.16 -27.08
N GLN B 96 -18.05 -7.99 -28.39
CA GLN B 96 -16.81 -8.30 -29.09
C GLN B 96 -15.76 -7.21 -28.94
N GLN B 97 -16.04 -6.17 -28.16
CA GLN B 97 -15.03 -5.17 -27.85
C GLN B 97 -13.86 -5.83 -27.14
N MET B 98 -12.65 -5.57 -27.62
CA MET B 98 -11.50 -6.34 -27.20
C MET B 98 -10.84 -5.70 -25.98
N MET B 99 -10.17 -6.56 -25.19
CA MET B 99 -9.53 -6.14 -23.96
C MET B 99 -8.57 -4.97 -24.19
N LYS B 100 -8.32 -4.22 -23.12
CA LYS B 100 -7.48 -3.03 -23.18
C LYS B 100 -6.07 -3.34 -22.69
N ARG B 101 -5.08 -2.84 -23.45
CA ARG B 101 -3.68 -3.25 -23.29
C ARG B 101 -3.16 -2.93 -21.89
N PRO B 102 -2.32 -3.79 -21.33
CA PRO B 102 -1.75 -3.51 -20.00
C PRO B 102 -0.98 -2.20 -19.97
N VAL B 103 -1.13 -1.47 -18.87
CA VAL B 103 -0.45 -0.20 -18.73
C VAL B 103 1.04 -0.39 -18.49
N SER B 104 1.40 -1.27 -17.57
CA SER B 104 2.79 -1.66 -17.38
C SER B 104 2.85 -2.85 -16.44
N ALA B 105 3.71 -3.82 -16.79
CA ALA B 105 3.96 -4.96 -15.93
C ALA B 105 4.91 -4.64 -14.78
N VAL B 106 5.70 -3.58 -14.88
CA VAL B 106 6.59 -3.16 -13.81
C VAL B 106 6.01 -2.01 -12.99
N GLY B 107 4.84 -1.50 -13.36
CA GLY B 107 4.16 -0.50 -12.55
C GLY B 107 4.31 0.93 -13.00
N TYR B 108 4.91 1.18 -14.16
CA TYR B 108 5.13 2.53 -14.65
C TYR B 108 3.81 3.10 -15.20
N LYS B 109 3.91 4.23 -15.91
CA LYS B 109 2.76 4.73 -16.65
C LYS B 109 2.64 4.15 -18.06
N ARG B 110 3.71 3.54 -18.56
CA ARG B 110 3.74 2.92 -19.88
C ARG B 110 4.64 1.69 -19.80
N PRO B 111 4.49 0.76 -20.74
CA PRO B 111 5.39 -0.39 -20.74
C PRO B 111 6.84 0.05 -20.82
N LEU B 112 7.72 -0.66 -20.11
CA LEU B 112 9.07 -0.19 -19.90
C LEU B 112 10.03 -1.36 -19.89
N SER B 113 10.97 -1.35 -20.83
CA SER B 113 11.98 -2.39 -20.86
C SER B 113 12.92 -2.25 -19.66
N GLN B 114 13.50 -3.38 -19.25
CA GLN B 114 14.45 -3.36 -18.15
C GLN B 114 15.63 -2.47 -18.47
N HIS B 115 16.05 -2.45 -19.73
CA HIS B 115 17.13 -1.56 -20.14
C HIS B 115 16.72 -0.09 -19.99
N ALA B 116 15.47 0.22 -20.30
CA ALA B 116 14.96 1.57 -20.10
C ALA B 116 14.97 1.95 -18.63
N ARG B 117 14.60 1.03 -17.74
CA ARG B 117 14.63 1.31 -16.30
C ARG B 117 16.06 1.52 -15.81
N MET B 118 16.99 0.67 -16.25
CA MET B 118 18.38 0.86 -15.89
C MET B 118 18.89 2.22 -16.36
N SER B 119 18.58 2.59 -17.61
CA SER B 119 19.03 3.87 -18.14
C SER B 119 18.38 5.05 -17.42
N MET B 120 17.11 4.93 -17.02
CA MET B 120 16.50 5.94 -16.18
C MET B 120 17.27 6.09 -14.87
N MET B 121 17.71 4.98 -14.30
CA MET B 121 18.41 5.02 -13.02
C MET B 121 19.80 5.62 -13.15
N ILE B 122 20.53 5.32 -14.22
CA ILE B 122 21.94 5.72 -14.27
C ILE B 122 22.15 6.97 -15.12
N ARG B 123 21.44 7.10 -16.24
CA ARG B 123 21.79 8.15 -17.18
C ARG B 123 20.82 9.32 -17.10
N PRO B 124 21.29 10.53 -17.41
CA PRO B 124 20.39 11.70 -17.40
C PRO B 124 19.70 11.94 -18.74
N GLU B 125 19.73 10.93 -19.61
CA GLU B 125 19.18 11.04 -20.96
C GLU B 125 17.66 11.04 -20.91
N PRO B 126 17.00 12.07 -21.44
CA PRO B 126 15.54 12.14 -21.31
C PRO B 126 14.84 11.22 -22.30
N ARG B 127 15.64 10.45 -23.03
CA ARG B 127 15.12 9.60 -24.10
C ARG B 127 14.29 8.45 -23.54
N TYR B 128 14.62 7.94 -22.35
CA TYR B 128 14.00 6.72 -21.83
C TYR B 128 12.82 6.98 -20.90
N ARG B 129 12.48 8.23 -20.63
CA ARG B 129 11.46 8.55 -19.65
C ARG B 129 10.19 9.04 -20.31
N ALA B 130 9.06 8.76 -19.67
CA ALA B 130 7.82 9.40 -20.06
C ALA B 130 7.77 10.84 -19.61
N GLU B 131 8.22 11.09 -18.38
CA GLU B 131 8.08 12.38 -17.73
C GLU B 131 9.29 12.59 -16.83
N ASN B 132 9.24 13.67 -16.05
CA ASN B 132 10.25 13.97 -15.02
C ASN B 132 11.65 13.88 -15.61
N ILE B 133 11.83 14.51 -16.78
CA ILE B 133 13.01 14.32 -17.58
C ILE B 133 14.14 15.28 -17.24
N MET B 134 13.87 16.34 -16.49
CA MET B 134 14.83 17.39 -16.20
C MET B 134 15.14 17.42 -14.72
N LEU B 135 16.42 17.46 -14.39
CA LEU B 135 16.88 17.48 -13.01
C LEU B 135 17.49 18.87 -12.74
N LEU B 136 16.66 19.76 -12.21
CA LEU B 136 17.11 21.11 -11.88
C LEU B 136 18.05 21.06 -10.69
N GLU B 137 18.90 22.08 -10.59
CA GLU B 137 19.86 22.17 -9.51
C GLU B 137 19.37 23.13 -8.43
N LEU B 138 19.85 22.92 -7.21
CA LEU B 138 19.55 23.84 -6.11
C LEU B 138 20.12 25.22 -6.44
N ASP B 139 19.32 26.25 -6.17
CA ASP B 139 19.67 27.62 -6.52
C ASP B 139 20.85 28.07 -5.68
N MET B 140 22.04 28.11 -6.27
CA MET B 140 23.24 28.37 -5.50
C MET B 140 23.20 29.80 -4.95
N PRO B 141 23.76 30.03 -3.76
CA PRO B 141 23.66 31.36 -3.13
C PRO B 141 24.60 32.35 -3.82
N SER B 142 24.03 33.47 -4.26
CA SER B 142 24.81 34.45 -5.00
C SER B 142 25.61 35.35 -4.07
N ARG B 143 26.23 36.39 -4.63
CA ARG B 143 27.00 37.37 -3.90
C ARG B 143 26.05 38.39 -3.28
N THR B 144 26.36 38.80 -2.05
CA THR B 144 25.44 39.61 -1.24
C THR B 144 25.80 41.09 -1.34
N THR B 145 25.29 41.75 -2.38
CA THR B 145 25.48 43.19 -2.55
C THR B 145 24.28 43.78 -3.28
N ARG B 146 23.38 44.42 -2.54
CA ARG B 146 22.17 44.91 -3.19
C ARG B 146 22.02 46.44 -3.10
N ASP B 147 22.12 47.00 -1.90
CA ASP B 147 21.96 48.45 -1.74
C ASP B 147 22.36 48.93 -0.34
N TYR B 148 21.97 50.15 -0.04
CA TYR B 148 22.04 50.75 1.30
C TYR B 148 23.38 50.55 1.99
N VAL C 129 23.92 70.57 11.30
CA VAL C 129 24.48 69.57 10.42
C VAL C 129 25.88 69.15 10.89
N ALA C 130 26.66 70.12 11.35
CA ALA C 130 27.96 69.90 12.01
C ALA C 130 28.87 68.97 11.20
N ASN C 131 29.03 69.24 9.91
CA ASN C 131 29.95 68.44 9.10
C ASN C 131 31.35 68.50 9.67
N ILE C 132 31.99 67.35 9.84
CA ILE C 132 33.31 67.29 10.44
C ILE C 132 34.26 66.52 9.55
N ASN C 133 35.56 66.68 9.80
CA ASN C 133 36.59 65.97 9.06
C ASN C 133 37.56 65.35 10.06
N ASP C 134 37.14 65.24 11.33
CA ASP C 134 38.01 64.75 12.41
C ASP C 134 37.34 63.72 13.31
N MET C 135 38.01 63.40 14.42
CA MET C 135 37.57 62.34 15.31
C MET C 135 37.61 62.83 16.76
N ASP C 136 37.20 61.99 17.68
CA ASP C 136 36.99 62.33 19.09
C ASP C 136 35.83 63.29 19.28
N GLU C 137 35.46 63.52 20.55
CA GLU C 137 34.39 64.39 21.02
C GLU C 137 33.05 64.05 20.38
N TYR C 138 32.96 62.89 19.73
CA TYR C 138 31.69 62.40 19.22
C TYR C 138 31.30 61.06 19.83
N ILE C 139 32.22 60.09 19.85
CA ILE C 139 32.02 58.88 20.63
C ILE C 139 32.18 59.17 22.12
N GLU C 140 32.84 60.26 22.49
CA GLU C 140 32.95 60.64 23.89
C GLU C 140 31.59 60.97 24.48
N LEU C 141 30.72 61.62 23.69
CA LEU C 141 29.40 62.01 24.14
C LEU C 141 28.41 60.85 24.14
N LEU C 142 28.80 59.69 23.64
CA LEU C 142 27.91 58.54 23.48
C LEU C 142 27.80 57.69 24.74
N TYR C 143 28.37 58.12 25.87
CA TYR C 143 28.24 57.36 27.11
C TYR C 143 28.02 58.28 28.31
N GLU C 144 27.45 59.47 28.09
CA GLU C 144 27.24 60.42 29.17
C GLU C 144 25.86 61.06 29.20
N ASP C 145 25.04 60.89 28.18
CA ASP C 145 23.72 61.51 28.17
C ASP C 145 22.79 60.73 27.24
N ILE C 146 21.69 60.22 27.79
CA ILE C 146 20.75 59.43 26.98
C ILE C 146 20.12 60.23 25.83
N PRO C 147 19.63 61.46 26.04
CA PRO C 147 18.96 62.14 24.91
C PRO C 147 19.85 62.39 23.71
N ASP C 148 21.15 62.58 23.93
CA ASP C 148 22.08 62.87 22.83
C ASP C 148 22.74 61.63 22.27
N LYS C 149 22.37 60.43 22.75
CA LYS C 149 22.88 59.20 22.14
C LYS C 149 22.45 59.09 20.70
N VAL C 150 21.20 59.47 20.41
CA VAL C 150 20.65 59.29 19.07
C VAL C 150 21.31 60.25 18.09
N ARG C 151 21.56 61.49 18.51
CA ARG C 151 22.25 62.44 17.66
C ARG C 151 23.68 61.98 17.37
N GLY C 152 24.36 61.43 18.38
CA GLY C 152 25.67 60.87 18.14
C GLY C 152 25.65 59.69 17.19
N SER C 153 24.62 58.85 17.30
CA SER C 153 24.48 57.73 16.37
C SER C 153 24.25 58.22 14.95
N ALA C 154 23.44 59.27 14.78
CA ALA C 154 23.24 59.85 13.46
C ALA C 154 24.52 60.45 12.91
N LEU C 155 25.30 61.12 13.77
CA LEU C 155 26.57 61.68 13.33
C LEU C 155 27.56 60.59 12.91
N ILE C 156 27.59 59.48 13.66
CA ILE C 156 28.43 58.36 13.28
C ILE C 156 27.95 57.75 11.96
N LEU C 157 26.64 57.70 11.76
CA LEU C 157 26.09 57.23 10.49
C LEU C 157 26.56 58.10 9.34
N GLN C 158 26.51 59.42 9.52
CA GLN C 158 26.98 60.33 8.48
C GLN C 158 28.48 60.20 8.25
N LEU C 159 29.26 59.99 9.31
CA LEU C 159 30.69 59.79 9.17
C LEU C 159 31.01 58.53 8.38
N ALA C 160 30.30 57.44 8.67
CA ALA C 160 30.59 56.15 8.06
C ALA C 160 29.85 55.92 6.74
N ARG C 161 28.97 56.83 6.34
CA ARG C 161 28.18 56.62 5.13
C ARG C 161 29.08 56.58 3.91
N ASN C 162 30.06 57.44 3.84
CA ASN C 162 30.94 57.43 2.69
C ASN C 162 32.06 56.42 2.89
N PRO C 163 32.52 55.78 1.82
CA PRO C 163 33.50 54.69 1.98
C PRO C 163 34.93 55.14 2.23
N ASP C 164 35.30 56.36 1.83
CA ASP C 164 36.69 56.80 1.97
C ASP C 164 37.10 56.99 3.42
N ASN C 165 36.14 57.08 4.34
CA ASN C 165 36.42 57.25 5.76
C ASN C 165 36.44 55.93 6.51
N LEU C 166 36.25 54.80 5.81
CA LEU C 166 36.15 53.51 6.49
C LEU C 166 37.47 53.11 7.13
N GLU C 167 38.58 53.30 6.42
CA GLU C 167 39.88 52.91 6.96
C GLU C 167 40.24 53.73 8.20
N GLU C 168 39.98 55.03 8.16
CA GLU C 168 40.23 55.87 9.33
C GLU C 168 39.36 55.46 10.51
N LEU C 169 38.09 55.14 10.24
CA LEU C 169 37.20 54.71 11.31
C LEU C 169 37.66 53.38 11.93
N LEU C 170 38.11 52.44 11.08
CA LEU C 170 38.63 51.18 11.60
C LEU C 170 39.90 51.40 12.41
N LEU C 171 40.81 52.24 11.93
CA LEU C 171 42.04 52.50 12.66
C LEU C 171 41.80 53.25 13.96
N ASN C 172 40.62 53.84 14.14
CA ASN C 172 40.26 54.51 15.38
C ASN C 172 39.97 53.44 16.43
N GLU C 173 40.95 53.17 17.29
CA GLU C 173 40.79 52.19 18.33
C GLU C 173 39.85 52.69 19.42
N THR C 174 39.34 51.75 20.22
CA THR C 174 38.41 52.01 21.31
C THR C 174 37.18 52.79 20.85
N ALA C 175 36.89 52.75 19.55
CA ALA C 175 35.71 53.38 18.98
C ALA C 175 34.58 52.38 18.79
N LEU C 176 34.88 51.23 18.18
CA LEU C 176 33.89 50.16 18.10
C LEU C 176 33.66 49.51 19.47
N GLY C 177 34.70 49.46 20.31
CA GLY C 177 34.52 48.90 21.63
C GLY C 177 33.56 49.69 22.49
N ALA C 178 33.70 51.02 22.48
CA ALA C 178 32.77 51.86 23.23
C ALA C 178 31.35 51.72 22.71
N LEU C 179 31.19 51.65 21.38
CA LEU C 179 29.87 51.44 20.79
C LEU C 179 29.27 50.12 21.24
N ALA C 180 30.07 49.07 21.28
CA ALA C 180 29.57 47.79 21.77
C ALA C 180 29.18 47.87 23.23
N ARG C 181 30.00 48.55 24.04
CA ARG C 181 29.71 48.64 25.48
C ARG C 181 28.43 49.41 25.74
N VAL C 182 28.20 50.52 25.05
CA VAL C 182 26.94 51.22 25.24
C VAL C 182 25.82 50.48 24.53
N LEU C 183 26.18 49.55 23.65
CA LEU C 183 25.22 48.82 22.84
C LEU C 183 24.67 47.57 23.53
N ARG C 184 25.29 47.12 24.62
CA ARG C 184 24.90 45.85 25.22
C ARG C 184 23.63 45.96 26.05
N GLU C 185 23.23 47.17 26.45
CA GLU C 185 22.03 47.33 27.26
C GLU C 185 21.13 48.48 26.82
N ASP C 186 21.57 49.36 25.92
CA ASP C 186 20.81 50.54 25.55
C ASP C 186 20.01 50.33 24.28
N TRP C 187 19.55 49.10 24.02
CA TRP C 187 18.83 48.77 22.80
C TRP C 187 17.41 48.31 23.07
N LYS C 188 16.82 48.67 24.21
CA LYS C 188 15.52 48.15 24.59
C LYS C 188 14.44 49.22 24.82
N GLN C 189 14.80 50.49 24.91
CA GLN C 189 13.86 51.52 25.34
C GLN C 189 13.68 52.66 24.36
N SER C 190 14.73 53.06 23.64
CA SER C 190 14.66 54.24 22.79
C SER C 190 14.37 53.90 21.33
N VAL C 191 14.89 52.76 20.86
CA VAL C 191 14.77 52.27 19.48
C VAL C 191 15.63 53.11 18.54
N GLU C 192 15.60 54.44 18.70
CA GLU C 192 16.41 55.29 17.85
C GLU C 192 17.90 55.04 18.07
N LEU C 193 18.27 54.56 19.27
CA LEU C 193 19.65 54.20 19.53
C LEU C 193 20.03 52.88 18.86
N ALA C 194 19.05 52.07 18.48
CA ALA C 194 19.35 50.85 17.74
C ALA C 194 19.87 51.14 16.34
N THR C 195 19.76 52.38 15.85
CA THR C 195 20.48 52.77 14.65
C THR C 195 21.98 52.64 14.86
N ASN C 196 22.46 52.92 16.08
CA ASN C 196 23.88 52.85 16.43
C ASN C 196 24.45 51.44 16.32
N ILE C 197 23.60 50.41 16.28
CA ILE C 197 24.09 49.05 16.21
C ILE C 197 24.93 48.84 14.95
N ILE C 198 24.40 49.26 13.81
CA ILE C 198 25.06 49.10 12.52
C ILE C 198 24.90 50.41 11.75
N TYR C 199 25.22 50.42 10.47
CA TYR C 199 25.45 51.53 9.55
C TYR C 199 26.86 52.07 9.71
N ILE C 200 27.63 51.58 10.67
CA ILE C 200 29.07 51.82 10.76
C ILE C 200 29.84 50.52 10.57
N PHE C 201 29.45 49.48 11.31
CA PHE C 201 29.94 48.14 11.06
C PHE C 201 29.43 47.57 9.75
N PHE C 202 28.38 48.16 9.18
CA PHE C 202 27.88 47.71 7.88
C PHE C 202 28.94 47.89 6.81
N CYS C 203 29.48 49.10 6.69
CA CYS C 203 30.49 49.33 5.67
C CYS C 203 31.77 48.57 5.96
N PHE C 204 32.02 48.21 7.21
CA PHE C 204 33.11 47.29 7.52
C PHE C 204 32.81 45.91 6.97
N SER C 205 31.57 45.46 7.11
CA SER C 205 31.15 44.11 6.73
C SER C 205 31.14 43.89 5.23
N SER C 206 31.26 44.93 4.42
CA SER C 206 31.33 44.76 2.98
C SER C 206 32.66 44.19 2.51
N PHE C 207 33.65 44.09 3.40
CA PHE C 207 34.95 43.54 3.07
C PHE C 207 35.18 42.27 3.86
N SER C 208 35.95 41.35 3.28
CA SER C 208 36.08 40.01 3.86
C SER C 208 36.87 40.03 5.16
N HIS C 209 38.01 40.72 5.19
CA HIS C 209 38.89 40.64 6.36
C HIS C 209 38.25 41.25 7.60
N PHE C 210 37.40 42.26 7.43
CA PHE C 210 36.77 42.89 8.58
C PHE C 210 35.80 41.95 9.29
N HIS C 211 35.41 40.84 8.65
CA HIS C 211 34.57 39.85 9.32
C HIS C 211 35.28 39.25 10.54
N GLY C 212 36.60 39.11 10.48
CA GLY C 212 37.34 38.66 11.66
C GLY C 212 37.20 39.63 12.82
N LEU C 213 37.30 40.93 12.53
CA LEU C 213 37.04 41.91 13.57
C LEU C 213 35.57 41.93 13.98
N ILE C 214 34.68 41.49 13.08
CA ILE C 214 33.27 41.41 13.42
C ILE C 214 33.03 40.29 14.43
N THR C 215 33.70 39.16 14.27
CA THR C 215 33.64 38.12 15.29
C THR C 215 34.41 38.53 16.54
N HIS C 216 35.42 39.39 16.39
CA HIS C 216 36.14 39.91 17.56
C HIS C 216 35.21 40.74 18.43
N TYR C 217 34.51 41.69 17.83
CA TYR C 217 33.58 42.55 18.55
C TYR C 217 32.21 41.92 18.73
N LYS C 218 31.98 40.76 18.12
CA LYS C 218 30.79 39.94 18.41
C LYS C 218 29.50 40.70 18.10
N ILE C 219 29.52 41.50 17.04
CA ILE C 219 28.29 42.21 16.65
C ILE C 219 27.22 41.23 16.23
N GLY C 220 27.58 40.06 15.71
CA GLY C 220 26.58 39.08 15.34
C GLY C 220 25.77 38.61 16.52
N ALA C 221 26.45 38.23 17.61
CA ALA C 221 25.74 37.68 18.76
C ALA C 221 24.83 38.72 19.41
N LEU C 222 25.30 39.96 19.53
CA LEU C 222 24.44 41.00 20.10
C LEU C 222 23.30 41.33 19.15
N CYS C 223 23.58 41.35 17.84
CA CYS C 223 22.52 41.52 16.85
C CYS C 223 21.46 40.44 16.97
N MET C 224 21.86 39.24 17.38
CA MET C 224 20.90 38.16 17.57
C MET C 224 19.79 38.58 18.52
N ASN C 225 20.16 38.86 19.77
CA ASN C 225 19.15 39.28 20.75
C ASN C 225 18.55 40.62 20.40
N ILE C 226 19.27 41.45 19.65
CA ILE C 226 18.70 42.70 19.14
C ILE C 226 17.46 42.41 18.32
N ILE C 227 17.61 41.61 17.26
CA ILE C 227 16.46 41.27 16.43
C ILE C 227 15.42 40.53 17.25
N ASP C 228 15.86 39.59 18.08
CA ASP C 228 14.92 38.76 18.83
C ASP C 228 14.00 39.60 19.70
N HIS C 229 14.57 40.48 20.53
CA HIS C 229 13.72 41.23 21.44
C HIS C 229 13.04 42.41 20.76
N GLU C 230 13.56 42.93 19.65
CA GLU C 230 12.73 43.82 18.84
C GLU C 230 11.51 43.13 18.29
N LEU C 231 11.64 41.90 17.82
CA LEU C 231 10.45 41.18 17.37
C LEU C 231 9.49 40.92 18.53
N LYS C 232 10.04 40.54 19.69
CA LYS C 232 9.20 40.31 20.86
C LYS C 232 8.46 41.59 21.23
N ARG C 233 9.17 42.72 21.23
CA ARG C 233 8.54 43.99 21.57
C ARG C 233 7.59 44.44 20.48
N HIS C 234 7.81 44.02 19.24
CA HIS C 234 6.86 44.33 18.18
C HIS C 234 5.56 43.60 18.40
N GLU C 235 5.64 42.34 18.79
CA GLU C 235 4.43 41.61 19.16
C GLU C 235 3.76 42.23 20.39
N LEU C 236 4.56 42.68 21.36
CA LEU C 236 3.99 43.34 22.53
C LEU C 236 3.25 44.62 22.13
N TRP C 237 3.85 45.41 21.24
CA TRP C 237 3.19 46.61 20.76
C TRP C 237 1.92 46.26 20.00
N GLN C 238 1.96 45.19 19.19
CA GLN C 238 0.77 44.74 18.49
C GLN C 238 -0.35 44.44 19.47
N GLU C 239 -0.03 43.74 20.56
CA GLU C 239 -1.09 43.35 21.49
C GLU C 239 -1.59 44.52 22.32
N GLU C 240 -0.74 45.52 22.61
CA GLU C 240 -1.29 46.67 23.33
C GLU C 240 -2.13 47.54 22.42
N LEU C 241 -1.70 47.72 21.17
CA LEU C 241 -2.48 48.52 20.22
C LEU C 241 -3.82 47.86 19.92
N SER C 242 -3.82 46.52 19.80
CA SER C 242 -5.08 45.82 19.53
C SER C 242 -6.03 45.95 20.71
N LYS C 243 -5.51 45.89 21.94
CA LYS C 243 -6.35 45.97 23.13
C LYS C 243 -6.74 47.40 23.49
N LYS C 244 -6.09 48.40 22.90
CA LYS C 244 -6.47 49.79 23.16
C LYS C 244 -7.69 50.23 22.38
N LYS C 245 -8.12 49.46 21.38
CA LYS C 245 -9.35 49.74 20.66
C LYS C 245 -10.58 49.24 21.42
N LYS C 246 -10.39 48.47 22.50
CA LYS C 246 -11.51 47.96 23.28
C LYS C 246 -12.28 49.07 23.99
N ALA C 247 -11.69 50.26 24.11
CA ALA C 247 -12.34 51.39 24.77
C ALA C 247 -13.11 52.27 23.79
N VAL C 248 -13.56 51.70 22.67
CA VAL C 248 -14.32 52.47 21.69
C VAL C 248 -15.76 52.72 22.13
N ASP C 249 -16.19 52.11 23.24
CA ASP C 249 -17.55 52.31 23.71
C ASP C 249 -17.81 53.76 24.08
N GLU C 250 -16.85 54.42 24.71
CA GLU C 250 -16.97 55.82 25.11
C GLU C 250 -15.72 56.54 24.63
N ASP C 251 -15.87 57.36 23.59
CA ASP C 251 -14.78 58.16 23.04
C ASP C 251 -14.95 59.61 23.49
N LEU C 252 -13.91 60.16 24.13
CA LEU C 252 -13.97 61.53 24.64
C LEU C 252 -12.70 62.32 24.39
N GLU C 253 -11.83 61.85 23.49
CA GLU C 253 -10.56 62.52 23.17
C GLU C 253 -9.71 62.75 24.42
N ASN C 254 -9.62 61.73 25.26
CA ASN C 254 -8.82 61.78 26.47
C ASN C 254 -8.13 60.43 26.62
N GLN C 255 -7.63 60.15 27.83
CA GLN C 255 -6.87 58.94 28.07
C GLN C 255 -7.65 57.67 27.77
N THR C 256 -8.99 57.73 27.77
CA THR C 256 -9.78 56.55 27.44
C THR C 256 -9.68 56.21 25.96
N LEU C 257 -9.81 57.20 25.09
CA LEU C 257 -9.70 56.99 23.66
C LEU C 257 -9.28 58.31 23.00
N ARG C 258 -8.52 58.19 21.91
CA ARG C 258 -7.89 59.33 21.26
C ARG C 258 -6.95 60.05 22.22
N LYS C 259 -6.51 61.26 21.85
CA LYS C 259 -5.56 62.04 22.63
C LYS C 259 -4.27 61.25 22.87
N ASP C 260 -4.17 60.57 24.02
CA ASP C 260 -3.02 59.71 24.27
C ASP C 260 -2.93 58.57 23.26
N TYR C 261 -4.08 58.15 22.71
CA TYR C 261 -4.07 57.15 21.65
C TYR C 261 -3.37 57.68 20.40
N ASP C 262 -3.63 58.95 20.05
CA ASP C 262 -2.94 59.55 18.91
C ASP C 262 -1.44 59.63 19.16
N LYS C 263 -1.04 59.97 20.39
CA LYS C 263 0.38 60.02 20.72
C LYS C 263 1.02 58.64 20.62
N THR C 264 0.35 57.61 21.13
CA THR C 264 0.89 56.27 21.04
C THR C 264 0.99 55.82 19.59
N PHE C 265 0.00 56.18 18.77
CA PHE C 265 0.04 55.86 17.34
C PHE C 265 1.22 56.55 16.65
N LYS C 266 1.45 57.82 16.98
CA LYS C 266 2.54 58.55 16.33
C LYS C 266 3.90 57.96 16.72
N LYS C 267 4.10 57.69 18.01
CA LYS C 267 5.38 57.12 18.41
C LYS C 267 5.52 55.71 17.88
N TYR C 268 4.39 55.00 17.76
CA TYR C 268 4.37 53.71 17.08
C TYR C 268 4.92 53.82 15.67
N GLN C 269 4.37 54.75 14.89
CA GLN C 269 4.79 54.86 13.49
C GLN C 269 6.27 55.20 13.40
N GLY C 270 6.72 56.15 14.21
CA GLY C 270 8.15 56.47 14.21
C GLY C 270 9.02 55.29 14.61
N LEU C 271 8.66 54.64 15.72
CA LEU C 271 9.47 53.54 16.24
C LEU C 271 9.49 52.37 15.28
N VAL C 272 8.35 52.03 14.69
CA VAL C 272 8.30 50.89 13.78
C VAL C 272 9.06 51.19 12.50
N VAL C 273 9.00 52.42 12.01
CA VAL C 273 9.76 52.76 10.80
C VAL C 273 11.26 52.65 11.07
N LYS C 274 11.72 53.28 12.15
CA LYS C 274 13.14 53.26 12.43
C LYS C 274 13.62 51.84 12.76
N GLN C 275 12.82 51.07 13.49
CA GLN C 275 13.20 49.71 13.83
C GLN C 275 13.19 48.80 12.62
N GLU C 276 12.27 49.02 11.67
CA GLU C 276 12.31 48.28 10.42
C GLU C 276 13.59 48.57 9.65
N GLN C 277 14.00 49.84 9.60
CA GLN C 277 15.27 50.18 8.97
C GLN C 277 16.44 49.52 9.71
N LEU C 278 16.38 49.51 11.04
CA LEU C 278 17.46 48.93 11.83
C LEU C 278 17.57 47.44 11.60
N LEU C 279 16.44 46.74 11.55
CA LEU C 279 16.45 45.33 11.20
C LEU C 279 16.94 45.13 9.77
N ARG C 280 16.53 45.98 8.84
CA ARG C 280 17.02 45.87 7.48
C ARG C 280 18.54 45.87 7.45
N VAL C 281 19.16 46.85 8.12
CA VAL C 281 20.62 46.94 8.06
C VAL C 281 21.29 45.88 8.94
N ALA C 282 20.63 45.48 10.03
CA ALA C 282 21.17 44.42 10.87
C ALA C 282 21.24 43.08 10.14
N LEU C 283 20.11 42.62 9.59
CA LEU C 283 20.18 41.42 8.78
C LEU C 283 21.01 41.63 7.52
N TYR C 284 21.21 42.87 7.08
CA TYR C 284 22.14 43.10 5.99
C TYR C 284 23.54 42.68 6.39
N LEU C 285 24.00 43.15 7.56
CA LEU C 285 25.27 42.67 8.09
C LEU C 285 25.24 41.15 8.26
N LEU C 286 24.06 40.59 8.57
CA LEU C 286 23.94 39.14 8.70
C LEU C 286 24.20 38.41 7.38
N LEU C 287 23.68 38.92 6.27
CA LEU C 287 24.07 38.39 4.97
C LEU C 287 25.56 38.59 4.73
N ASN C 288 26.09 39.75 5.09
CA ASN C 288 27.51 39.92 4.77
C ASN C 288 28.45 39.03 5.60
N LEU C 289 27.92 38.31 6.57
CA LEU C 289 28.68 37.29 7.29
C LEU C 289 28.23 35.88 6.93
N ALA C 290 27.19 35.73 6.11
CA ALA C 290 26.61 34.44 5.81
C ALA C 290 27.35 33.68 4.73
N GLU C 291 28.41 34.26 4.15
CA GLU C 291 29.13 33.59 3.07
C GLU C 291 29.90 32.38 3.58
N ASP C 292 30.28 32.36 4.86
CA ASP C 292 31.06 31.27 5.40
C ASP C 292 30.15 30.13 5.83
N THR C 293 30.63 28.89 5.62
CA THR C 293 29.89 27.73 6.09
C THR C 293 29.85 27.68 7.62
N ARG C 294 30.99 27.96 8.28
CA ARG C 294 31.00 27.90 9.74
C ARG C 294 30.21 29.05 10.35
N THR C 295 30.37 30.26 9.81
CA THR C 295 29.60 31.38 10.33
C THR C 295 28.11 31.17 10.14
N GLU C 296 27.72 30.65 8.98
CA GLU C 296 26.31 30.35 8.75
C GLU C 296 25.82 29.24 9.66
N LEU C 297 26.68 28.26 9.99
CA LEU C 297 26.27 27.22 10.93
C LEU C 297 26.04 27.79 12.32
N LYS C 298 26.93 28.68 12.77
CA LYS C 298 26.72 29.34 14.05
C LYS C 298 25.44 30.16 14.03
N MET C 299 25.19 30.86 12.93
CA MET C 299 23.99 31.69 12.81
C MET C 299 22.73 30.82 12.82
N ARG C 300 22.77 29.67 12.17
CA ARG C 300 21.63 28.77 12.14
C ARG C 300 21.43 28.05 13.46
N ASN C 301 22.48 27.94 14.27
CA ASN C 301 22.33 27.34 15.60
C ASN C 301 21.40 28.18 16.47
N LYS C 302 21.47 29.50 16.33
CA LYS C 302 20.69 30.42 17.15
C LYS C 302 19.24 30.48 16.77
N ASN C 303 18.76 29.58 15.91
CA ASN C 303 17.39 29.59 15.41
C ASN C 303 17.04 30.93 14.77
N ILE C 304 17.80 31.26 13.72
CA ILE C 304 17.53 32.46 12.96
C ILE C 304 16.18 32.38 12.27
N VAL C 305 15.94 31.26 11.59
CA VAL C 305 14.87 31.20 10.59
C VAL C 305 13.50 31.43 11.22
N HIS C 306 13.35 31.12 12.52
CA HIS C 306 12.10 31.40 13.20
C HIS C 306 11.77 32.89 13.17
N MET C 307 12.67 33.71 13.74
CA MET C 307 12.47 35.15 13.73
C MET C 307 12.55 35.71 12.30
N LEU C 308 13.29 35.04 11.42
CA LEU C 308 13.32 35.46 10.03
C LEU C 308 11.94 35.37 9.40
N VAL C 309 11.24 34.26 9.64
CA VAL C 309 9.90 34.11 9.13
C VAL C 309 8.94 35.06 9.85
N LYS C 310 9.19 35.31 11.14
CA LYS C 310 8.38 36.27 11.87
C LYS C 310 8.52 37.68 11.30
N ALA C 311 9.73 38.06 10.92
CA ALA C 311 9.94 39.39 10.34
C ALA C 311 9.28 39.53 8.96
N LEU C 312 8.96 38.42 8.31
CA LEU C 312 8.32 38.47 7.00
C LEU C 312 6.93 39.08 7.07
N ASP C 313 6.32 39.13 8.26
CA ASP C 313 4.99 39.71 8.41
C ASP C 313 4.99 41.23 8.33
N ARG C 314 6.16 41.86 8.39
CA ARG C 314 6.25 43.31 8.32
C ARG C 314 5.92 43.80 6.91
N ASP C 315 5.61 45.10 6.82
CA ASP C 315 5.28 45.74 5.55
C ASP C 315 6.30 46.82 5.24
N ASN C 316 7.41 46.43 4.62
CA ASN C 316 8.39 47.36 4.09
C ASN C 316 9.31 46.60 3.14
N PHE C 317 9.55 47.17 1.97
CA PHE C 317 10.11 46.42 0.86
C PHE C 317 11.55 45.97 1.14
N GLU C 318 12.42 46.90 1.53
CA GLU C 318 13.86 46.60 1.56
C GLU C 318 14.20 45.57 2.63
N LEU C 319 13.65 45.72 3.84
CA LEU C 319 13.90 44.72 4.88
C LEU C 319 13.36 43.36 4.47
N LEU C 320 12.19 43.33 3.82
CA LEU C 320 11.67 42.07 3.32
C LEU C 320 12.62 41.45 2.30
N ILE C 321 13.23 42.26 1.45
CA ILE C 321 14.10 41.69 0.42
C ILE C 321 15.37 41.15 1.05
N LEU C 322 15.88 41.84 2.08
CA LEU C 322 17.01 41.27 2.82
C LEU C 322 16.61 39.96 3.50
N VAL C 323 15.41 39.90 4.06
CA VAL C 323 14.95 38.65 4.68
C VAL C 323 14.89 37.53 3.65
N VAL C 324 14.33 37.80 2.47
CA VAL C 324 14.17 36.74 1.48
C VAL C 324 15.52 36.36 0.86
N SER C 325 16.44 37.30 0.71
CA SER C 325 17.77 36.93 0.25
C SER C 325 18.49 36.07 1.27
N PHE C 326 18.39 36.44 2.55
CA PHE C 326 19.00 35.63 3.62
C PHE C 326 18.40 34.23 3.63
N LEU C 327 17.07 34.15 3.55
CA LEU C 327 16.39 32.87 3.57
C LEU C 327 16.74 32.00 2.37
N LYS C 328 16.87 32.61 1.18
CA LYS C 328 17.33 31.84 0.03
C LYS C 328 18.75 31.35 0.25
N LYS C 329 19.59 32.18 0.87
CA LYS C 329 20.96 31.74 1.15
C LYS C 329 20.97 30.54 2.07
N LEU C 330 20.05 30.50 3.03
CA LEU C 330 19.96 29.35 3.91
C LEU C 330 19.21 28.18 3.28
N SER C 331 18.48 28.41 2.18
CA SER C 331 17.52 27.41 1.71
C SER C 331 18.18 26.27 0.94
N ILE C 332 19.44 26.40 0.53
CA ILE C 332 20.07 25.28 -0.13
C ILE C 332 20.31 24.14 0.86
N PHE C 333 20.74 24.46 2.06
CA PHE C 333 21.03 23.43 3.05
C PHE C 333 19.77 22.87 3.68
N MET C 334 19.78 21.55 3.90
CA MET C 334 18.61 20.85 4.41
C MET C 334 18.40 21.06 5.91
N GLU C 335 19.46 21.43 6.64
CA GLU C 335 19.26 21.74 8.06
C GLU C 335 18.44 23.01 8.22
N ASN C 336 18.80 24.07 7.47
CA ASN C 336 18.03 25.30 7.51
C ASN C 336 16.65 25.11 6.91
N LYS C 337 16.53 24.24 5.90
CA LYS C 337 15.22 23.90 5.38
C LYS C 337 14.36 23.23 6.45
N ASN C 338 14.95 22.32 7.23
CA ASN C 338 14.20 21.64 8.27
C ASN C 338 13.82 22.60 9.39
N ASP C 339 14.68 23.59 9.67
CA ASP C 339 14.27 24.64 10.60
C ASP C 339 13.18 25.52 10.00
N MET C 340 13.13 25.61 8.68
CA MET C 340 12.12 26.41 8.00
C MET C 340 10.76 25.72 7.95
N VAL C 341 10.73 24.40 7.82
CA VAL C 341 9.50 23.72 7.41
C VAL C 341 8.42 23.80 8.48
N GLU C 342 8.79 23.83 9.77
CA GLU C 342 7.78 23.77 10.82
C GLU C 342 6.87 25.00 10.80
N MET C 343 7.42 26.16 10.52
CA MET C 343 6.64 27.39 10.42
C MET C 343 6.43 27.72 8.94
N ASP C 344 5.21 28.11 8.60
CA ASP C 344 4.88 28.33 7.20
C ASP C 344 5.60 29.56 6.67
N ILE C 345 6.27 29.40 5.53
CA ILE C 345 6.80 30.52 4.76
C ILE C 345 5.97 30.80 3.54
N VAL C 346 5.49 29.75 2.86
CA VAL C 346 4.84 29.90 1.56
C VAL C 346 3.58 30.76 1.69
N GLU C 347 2.84 30.59 2.79
CA GLU C 347 1.65 31.42 2.99
C GLU C 347 2.02 32.89 3.12
N LYS C 348 3.16 33.17 3.76
CA LYS C 348 3.60 34.55 3.89
C LYS C 348 4.10 35.12 2.57
N LEU C 349 4.73 34.28 1.73
CA LEU C 349 5.20 34.75 0.42
C LEU C 349 4.11 34.76 -0.62
N VAL C 350 2.92 34.21 -0.32
CA VAL C 350 1.83 34.19 -1.29
C VAL C 350 1.38 35.61 -1.61
N LYS C 351 1.16 36.43 -0.58
CA LYS C 351 0.68 37.78 -0.79
C LYS C 351 1.79 38.76 -1.16
N MET C 352 3.00 38.26 -1.42
CA MET C 352 4.16 39.11 -1.64
C MET C 352 4.75 39.02 -3.04
N ILE C 353 4.61 37.89 -3.73
CA ILE C 353 5.12 37.77 -5.09
C ILE C 353 4.44 38.71 -6.09
N PRO C 354 3.22 39.23 -5.84
CA PRO C 354 2.75 40.33 -6.69
C PRO C 354 3.29 41.71 -6.29
N CYS C 355 4.38 41.77 -5.52
CA CYS C 355 4.94 43.05 -5.13
C CYS C 355 5.54 43.76 -6.33
N GLU C 356 5.72 45.07 -6.18
CA GLU C 356 6.11 45.91 -7.31
C GLU C 356 7.61 45.99 -7.53
N HIS C 357 8.42 45.47 -6.62
CA HIS C 357 9.86 45.69 -6.70
C HIS C 357 10.50 44.48 -7.40
N GLU C 358 11.32 44.76 -8.41
CA GLU C 358 11.81 43.71 -9.30
C GLU C 358 12.77 42.75 -8.60
N ASP C 359 13.76 43.30 -7.90
CA ASP C 359 14.74 42.44 -7.23
C ASP C 359 14.07 41.60 -6.14
N LEU C 360 13.03 42.15 -5.50
CA LEU C 360 12.25 41.38 -4.55
C LEU C 360 11.67 40.13 -5.19
N LEU C 361 10.98 40.29 -6.32
CA LEU C 361 10.39 39.14 -6.99
C LEU C 361 11.46 38.19 -7.48
N ASN C 362 12.60 38.71 -7.95
CA ASN C 362 13.66 37.84 -8.41
C ASN C 362 14.15 36.91 -7.30
N ILE C 363 14.54 37.49 -6.16
CA ILE C 363 15.14 36.65 -5.13
C ILE C 363 14.09 35.83 -4.40
N THR C 364 12.85 36.33 -4.30
CA THR C 364 11.76 35.51 -3.77
C THR C 364 11.47 34.30 -4.64
N LEU C 365 11.48 34.49 -5.98
CA LEU C 365 11.25 33.36 -6.88
C LEU C 365 12.40 32.38 -6.82
N ARG C 366 13.64 32.86 -6.67
CA ARG C 366 14.75 31.94 -6.46
C ARG C 366 14.58 31.17 -5.15
N LEU C 367 14.10 31.84 -4.10
CA LEU C 367 13.87 31.16 -2.83
C LEU C 367 12.81 30.07 -2.96
N LEU C 368 11.70 30.37 -3.64
CA LEU C 368 10.72 29.34 -3.89
C LEU C 368 11.29 28.22 -4.74
N LEU C 369 12.23 28.55 -5.63
CA LEU C 369 12.89 27.52 -6.41
C LEU C 369 13.68 26.56 -5.52
N ASN C 370 14.33 27.10 -4.49
CA ASN C 370 15.05 26.23 -3.58
C ASN C 370 14.11 25.42 -2.69
N LEU C 371 12.90 25.93 -2.45
CA LEU C 371 11.95 25.28 -1.56
C LEU C 371 11.07 24.25 -2.27
N SER C 372 11.13 24.17 -3.60
CA SER C 372 10.32 23.18 -4.30
C SER C 372 10.89 21.78 -4.21
N PHE C 373 12.20 21.64 -3.95
CA PHE C 373 12.81 20.32 -3.86
C PHE C 373 12.11 19.46 -2.80
N ASP C 374 11.90 20.01 -1.61
CA ASP C 374 11.25 19.26 -0.55
C ASP C 374 9.79 19.00 -0.90
N THR C 375 9.37 17.75 -0.76
CA THR C 375 8.02 17.37 -1.13
C THR C 375 6.99 18.06 -0.24
N GLY C 376 7.22 18.05 1.07
CA GLY C 376 6.25 18.61 2.00
C GLY C 376 6.06 20.10 1.80
N LEU C 377 7.15 20.83 1.62
CA LEU C 377 7.05 22.25 1.30
C LEU C 377 6.26 22.46 0.01
N ARG C 378 6.41 21.56 -0.96
CA ARG C 378 5.69 21.72 -2.22
C ARG C 378 4.20 21.46 -2.06
N ASN C 379 3.81 20.51 -1.21
CA ASN C 379 2.37 20.39 -0.95
C ASN C 379 1.86 21.60 -0.19
N LYS C 380 2.69 22.19 0.66
CA LYS C 380 2.32 23.48 1.26
C LYS C 380 2.06 24.53 0.20
N MET C 381 2.96 24.62 -0.79
CA MET C 381 2.81 25.59 -1.86
C MET C 381 1.51 25.37 -2.63
N VAL C 382 1.22 24.10 -2.94
CA VAL C 382 0.01 23.82 -3.71
C VAL C 382 -1.23 24.16 -2.90
N GLN C 383 -1.27 23.77 -1.63
CA GLN C 383 -2.48 23.98 -0.83
C GLN C 383 -2.70 25.46 -0.52
N VAL C 384 -1.62 26.23 -0.36
CA VAL C 384 -1.81 27.65 -0.04
C VAL C 384 -2.34 28.43 -1.24
N GLY C 385 -1.96 28.05 -2.45
CA GLY C 385 -2.43 28.74 -3.63
C GLY C 385 -1.36 29.53 -4.35
N LEU C 386 -0.13 29.01 -4.33
CA LEU C 386 0.99 29.65 -5.01
C LEU C 386 0.94 29.49 -6.53
N LEU C 387 0.24 28.47 -7.02
CA LEU C 387 0.25 28.16 -8.46
C LEU C 387 -0.28 29.29 -9.32
N PRO C 388 -1.45 29.89 -9.04
CA PRO C 388 -1.93 30.95 -9.95
C PRO C 388 -0.98 32.11 -10.08
N LYS C 389 -0.37 32.55 -8.98
CA LYS C 389 0.58 33.63 -9.06
C LYS C 389 1.86 33.21 -9.76
N LEU C 390 2.29 31.96 -9.57
CA LEU C 390 3.45 31.49 -10.31
C LEU C 390 3.20 31.49 -11.82
N THR C 391 2.02 31.03 -12.25
CA THR C 391 1.70 31.05 -13.67
C THR C 391 1.58 32.47 -14.19
N ALA C 392 0.99 33.38 -13.39
CA ALA C 392 0.92 34.76 -13.80
C ALA C 392 2.31 35.36 -14.00
N LEU C 393 3.24 35.02 -13.11
CA LEU C 393 4.61 35.47 -13.28
C LEU C 393 5.26 34.82 -14.50
N LEU C 394 4.84 33.60 -14.84
CA LEU C 394 5.29 32.98 -16.07
C LEU C 394 4.60 33.57 -17.30
N GLY C 395 3.61 34.45 -17.11
CA GLY C 395 2.93 35.07 -18.23
C GLY C 395 3.86 35.75 -19.23
N ASN C 396 4.45 36.89 -18.86
CA ASN C 396 5.42 37.55 -19.73
C ASN C 396 6.27 38.49 -18.87
N GLU C 397 7.47 38.05 -18.51
CA GLU C 397 8.38 38.87 -17.71
C GLU C 397 9.81 38.48 -18.06
N ASN C 398 10.75 38.96 -17.24
CA ASN C 398 12.12 38.49 -17.22
C ASN C 398 12.32 37.31 -16.28
N TYR C 399 11.23 36.82 -15.68
CA TYR C 399 11.27 35.71 -14.75
C TYR C 399 10.81 34.40 -15.39
N LYS C 400 11.09 34.20 -16.68
CA LYS C 400 10.66 32.99 -17.36
C LYS C 400 11.33 31.76 -16.78
N GLN C 401 12.66 31.78 -16.68
CA GLN C 401 13.39 30.59 -16.26
C GLN C 401 12.99 30.15 -14.85
N ILE C 402 13.04 31.08 -13.89
CA ILE C 402 12.85 30.71 -12.49
C ILE C 402 11.42 30.27 -12.23
N ALA C 403 10.45 31.07 -12.69
CA ALA C 403 9.06 30.71 -12.46
C ALA C 403 8.71 29.40 -13.14
N MET C 404 9.22 29.18 -14.37
CA MET C 404 8.90 27.94 -15.06
C MET C 404 9.58 26.74 -14.42
N CYS C 405 10.80 26.91 -13.91
CA CYS C 405 11.45 25.83 -13.18
C CYS C 405 10.67 25.46 -11.93
N VAL C 406 10.22 26.46 -11.17
CA VAL C 406 9.42 26.19 -9.98
C VAL C 406 8.14 25.47 -10.36
N LEU C 407 7.46 25.94 -11.40
CA LEU C 407 6.20 25.32 -11.81
C LEU C 407 6.41 23.88 -12.25
N TYR C 408 7.52 23.61 -12.91
CA TYR C 408 7.83 22.24 -13.33
C TYR C 408 8.11 21.34 -12.14
N HIS C 409 8.81 21.85 -11.12
CA HIS C 409 9.04 21.01 -9.94
C HIS C 409 7.75 20.67 -9.23
N ILE C 410 6.82 21.61 -9.19
CA ILE C 410 5.51 21.32 -8.60
C ILE C 410 4.79 20.26 -9.41
N SER C 411 5.00 20.25 -10.73
CA SER C 411 4.32 19.29 -11.59
C SER C 411 4.74 17.85 -11.32
N MET C 412 5.90 17.62 -10.71
CA MET C 412 6.47 16.27 -10.65
C MET C 412 5.68 15.29 -9.82
N ASP C 413 4.47 15.58 -9.35
CA ASP C 413 3.60 14.57 -8.77
C ASP C 413 2.26 14.60 -9.48
N ASP C 414 1.59 13.44 -9.48
CA ASP C 414 0.36 13.29 -10.26
C ASP C 414 -0.77 14.15 -9.71
N ARG C 415 -0.78 14.42 -8.41
CA ARG C 415 -1.87 15.20 -7.82
C ARG C 415 -1.87 16.63 -8.33
N PHE C 416 -0.69 17.26 -8.41
CA PHE C 416 -0.61 18.66 -8.79
C PHE C 416 -0.70 18.88 -10.30
N LYS C 417 -0.56 17.83 -11.11
CA LYS C 417 -0.64 18.00 -12.55
C LYS C 417 -2.06 18.35 -12.98
N SER C 418 -3.06 17.91 -12.22
CA SER C 418 -4.45 18.16 -12.60
C SER C 418 -4.86 19.59 -12.30
N MET C 419 -4.34 20.19 -11.23
CA MET C 419 -4.69 21.56 -10.89
C MET C 419 -4.20 22.55 -11.93
N PHE C 420 -3.24 22.16 -12.76
CA PHE C 420 -2.70 23.07 -13.76
C PHE C 420 -3.77 23.48 -14.76
N ALA C 421 -4.58 22.53 -15.22
CA ALA C 421 -5.48 22.76 -16.34
C ALA C 421 -6.70 23.61 -15.97
N TYR C 422 -6.93 23.86 -14.69
CA TYR C 422 -8.08 24.65 -14.26
C TYR C 422 -7.75 26.14 -14.36
N THR C 423 -7.65 26.60 -15.61
CA THR C 423 -7.36 27.99 -16.01
C THR C 423 -6.16 28.59 -15.25
N ASP C 424 -5.27 27.74 -14.75
CA ASP C 424 -4.07 28.21 -14.04
C ASP C 424 -2.86 28.31 -14.96
N CYS C 425 -2.45 27.18 -15.54
CA CYS C 425 -1.24 27.16 -16.34
C CYS C 425 -1.38 28.02 -17.60
N ILE C 426 -2.58 28.04 -18.17
CA ILE C 426 -2.92 28.78 -19.40
C ILE C 426 -2.27 28.09 -20.59
N PRO C 427 -2.92 28.01 -21.75
CA PRO C 427 -2.30 27.37 -22.91
C PRO C 427 -1.19 28.18 -23.55
N GLN C 428 -0.76 29.27 -22.90
CA GLN C 428 0.31 30.09 -23.45
C GLN C 428 1.60 29.29 -23.62
N LEU C 429 1.77 28.23 -22.83
CA LEU C 429 2.97 27.39 -22.95
C LEU C 429 3.12 26.89 -24.37
N MET C 430 2.02 26.48 -24.98
CA MET C 430 2.04 26.09 -26.38
C MET C 430 2.45 27.25 -27.27
N LYS C 431 2.06 28.48 -26.92
CA LYS C 431 2.44 29.63 -27.73
C LYS C 431 3.95 29.82 -27.73
N MET C 432 4.56 29.91 -26.55
CA MET C 432 6.01 30.11 -26.56
C MET C 432 6.76 28.87 -27.04
N LEU C 433 6.08 27.72 -27.07
CA LEU C 433 6.67 26.56 -27.75
C LEU C 433 6.65 26.74 -29.26
N PHE C 434 5.57 27.32 -29.77
CA PHE C 434 5.44 27.51 -31.21
C PHE C 434 6.36 28.61 -31.73
N GLU C 435 6.60 29.65 -30.93
CA GLU C 435 7.42 30.76 -31.43
C GLU C 435 8.88 30.37 -31.56
N CYS C 436 9.40 29.60 -30.61
CA CYS C 436 10.85 29.44 -30.45
C CYS C 436 11.53 28.87 -31.69
N SER C 437 12.32 29.68 -32.37
CA SER C 437 12.93 29.31 -33.63
C SER C 437 14.36 28.83 -33.37
N ASP C 438 14.57 27.53 -33.51
CA ASP C 438 15.89 26.91 -33.38
C ASP C 438 15.78 25.45 -33.77
N GLU C 439 16.94 24.85 -34.06
CA GLU C 439 16.98 23.42 -34.37
C GLU C 439 16.58 22.59 -33.15
N ARG C 440 17.10 22.93 -31.97
CA ARG C 440 16.75 22.26 -30.73
C ARG C 440 15.99 23.26 -29.86
N ILE C 441 14.69 23.05 -29.69
CA ILE C 441 13.90 23.91 -28.83
C ILE C 441 14.38 23.78 -27.38
N ASP C 442 14.34 24.89 -26.65
CA ASP C 442 14.86 24.95 -25.29
C ASP C 442 14.28 23.85 -24.42
N LEU C 443 15.12 23.32 -23.52
CA LEU C 443 14.75 22.12 -22.77
C LEU C 443 13.66 22.38 -21.74
N GLU C 444 13.66 23.57 -21.15
CA GLU C 444 12.78 23.82 -20.01
C GLU C 444 11.32 23.81 -20.43
N LEU C 445 10.99 24.54 -21.49
CA LEU C 445 9.59 24.63 -21.91
C LEU C 445 9.08 23.27 -22.38
N ILE C 446 9.91 22.54 -23.13
CA ILE C 446 9.50 21.22 -23.59
C ILE C 446 9.35 20.25 -22.43
N SER C 447 10.18 20.36 -21.39
CA SER C 447 10.05 19.47 -20.24
C SER C 447 8.79 19.77 -19.44
N PHE C 448 8.51 21.04 -19.22
CA PHE C 448 7.26 21.43 -18.58
C PHE C 448 6.06 20.92 -19.36
N CYS C 449 6.07 21.06 -20.68
CA CYS C 449 4.95 20.61 -21.50
C CYS C 449 4.82 19.09 -21.49
N ILE C 450 5.94 18.38 -21.54
CA ILE C 450 5.91 16.92 -21.50
C ILE C 450 5.27 16.43 -20.22
N ASN C 451 5.70 17.01 -19.08
CA ASN C 451 5.15 16.56 -17.80
C ASN C 451 3.72 17.02 -17.61
N LEU C 452 3.32 18.11 -18.26
CA LEU C 452 1.91 18.45 -18.30
C LEU C 452 1.12 17.38 -19.06
N ALA C 453 1.72 16.83 -20.11
CA ALA C 453 1.05 15.88 -21.00
C ALA C 453 0.84 14.50 -20.37
N ALA C 454 1.31 14.26 -19.14
CA ALA C 454 1.05 12.99 -18.48
C ALA C 454 -0.41 12.83 -18.10
N ASN C 455 -1.18 13.91 -18.11
CA ASN C 455 -2.53 13.91 -17.57
C ASN C 455 -3.52 14.29 -18.66
N LYS C 456 -4.67 13.62 -18.64
CA LYS C 456 -5.67 13.84 -19.68
C LYS C 456 -6.26 15.24 -19.63
N ARG C 457 -6.39 15.83 -18.44
CA ARG C 457 -6.98 17.17 -18.36
C ARG C 457 -6.08 18.21 -19.01
N ASN C 458 -4.77 18.08 -18.84
CA ASN C 458 -3.85 18.96 -19.56
C ASN C 458 -3.80 18.62 -21.04
N VAL C 459 -3.90 17.34 -21.38
CA VAL C 459 -3.75 16.91 -22.77
C VAL C 459 -4.93 17.38 -23.61
N GLN C 460 -6.14 17.33 -23.05
CA GLN C 460 -7.31 17.85 -23.76
C GLN C 460 -7.14 19.34 -24.07
N LEU C 461 -6.63 20.12 -23.11
CA LEU C 461 -6.41 21.53 -23.35
C LEU C 461 -5.28 21.77 -24.34
N ILE C 462 -4.27 20.91 -24.35
CA ILE C 462 -3.14 21.07 -25.26
C ILE C 462 -3.61 21.02 -26.70
N CYS C 463 -4.47 20.06 -27.02
CA CYS C 463 -4.94 19.84 -28.38
C CYS C 463 -6.14 20.69 -28.74
N GLU C 464 -6.60 21.55 -27.82
CA GLU C 464 -7.69 22.47 -28.14
C GLU C 464 -7.25 23.44 -29.23
N GLY C 465 -8.16 23.71 -30.16
CA GLY C 465 -7.84 24.61 -31.25
C GLY C 465 -6.87 24.04 -32.26
N ASN C 466 -6.76 22.71 -32.33
CA ASN C 466 -5.94 22.02 -33.33
C ASN C 466 -4.47 22.45 -33.25
N GLY C 467 -3.93 22.44 -32.03
CA GLY C 467 -2.50 22.65 -31.89
C GLY C 467 -1.65 21.48 -32.36
N LEU C 468 -2.26 20.29 -32.47
CA LEU C 468 -1.53 19.10 -32.87
C LEU C 468 -1.02 19.17 -34.30
N LYS C 469 -1.66 19.97 -35.16
CA LYS C 469 -1.16 20.12 -36.54
C LYS C 469 0.18 20.83 -36.58
N MET C 470 0.28 22.01 -35.95
CA MET C 470 1.58 22.68 -35.90
C MET C 470 2.54 21.91 -35.01
N LEU C 471 2.02 21.11 -34.08
CA LEU C 471 2.87 20.19 -33.34
C LEU C 471 3.54 19.18 -34.27
N MET C 472 2.76 18.60 -35.17
CA MET C 472 3.35 17.80 -36.24
C MET C 472 4.39 18.59 -37.01
N LYS C 473 4.00 19.77 -37.48
CA LYS C 473 4.86 20.49 -38.41
C LYS C 473 6.21 20.78 -37.78
N ARG C 474 6.21 21.26 -36.54
CA ARG C 474 7.45 21.45 -35.81
C ARG C 474 8.19 20.13 -35.63
N ALA C 475 7.47 19.08 -35.23
CA ALA C 475 8.15 17.81 -34.96
C ALA C 475 8.85 17.27 -36.20
N LEU C 476 8.30 17.56 -37.38
CA LEU C 476 8.82 16.98 -38.60
C LEU C 476 9.76 17.91 -39.38
N LYS C 477 9.76 19.21 -39.09
CA LYS C 477 10.68 20.07 -39.82
C LYS C 477 12.13 19.82 -39.39
N LEU C 478 12.33 19.24 -38.21
CA LEU C 478 13.66 18.88 -37.73
C LEU C 478 13.52 17.73 -36.75
N LYS C 479 14.65 17.09 -36.45
CA LYS C 479 14.69 15.97 -35.51
C LYS C 479 14.74 16.53 -34.09
N ASP C 480 13.56 16.75 -33.52
CA ASP C 480 13.40 17.19 -32.12
C ASP C 480 12.65 16.11 -31.37
N PRO C 481 13.36 15.16 -30.75
CA PRO C 481 12.66 14.05 -30.09
C PRO C 481 11.79 14.48 -28.93
N LEU C 482 12.00 15.66 -28.37
CA LEU C 482 11.29 16.04 -27.15
C LEU C 482 9.83 16.39 -27.45
N LEU C 483 9.58 17.08 -28.57
CA LEU C 483 8.20 17.31 -28.96
C LEU C 483 7.51 16.00 -29.31
N MET C 484 8.26 15.05 -29.87
CA MET C 484 7.72 13.72 -30.10
C MET C 484 7.36 13.04 -28.79
N LYS C 485 8.16 13.22 -27.74
CA LYS C 485 7.81 12.70 -26.41
C LYS C 485 6.52 13.32 -25.92
N MET C 486 6.38 14.64 -26.10
CA MET C 486 5.17 15.32 -25.66
C MET C 486 3.94 14.78 -26.36
N ILE C 487 4.01 14.61 -27.68
CA ILE C 487 2.80 14.15 -28.37
C ILE C 487 2.58 12.65 -28.16
N ARG C 488 3.64 11.89 -27.89
CA ARG C 488 3.46 10.49 -27.47
C ARG C 488 2.67 10.43 -26.18
N ASN C 489 3.06 11.25 -25.19
CA ASN C 489 2.30 11.29 -23.95
C ASN C 489 0.90 11.80 -24.17
N ILE C 490 0.70 12.64 -25.19
CA ILE C 490 -0.65 13.07 -25.57
C ILE C 490 -1.46 11.88 -26.06
N SER C 491 -0.81 10.95 -26.76
CA SER C 491 -1.52 9.88 -27.46
C SER C 491 -1.81 8.66 -26.58
N GLN C 492 -1.44 8.67 -25.31
CA GLN C 492 -1.70 7.51 -24.45
C GLN C 492 -3.11 7.48 -23.89
N HIS C 493 -4.02 8.30 -24.40
CA HIS C 493 -5.30 8.53 -23.74
C HIS C 493 -6.47 8.16 -24.65
N ASP C 494 -7.57 7.76 -24.02
CA ASP C 494 -8.71 7.21 -24.75
C ASP C 494 -9.50 8.30 -25.46
N GLY C 495 -9.47 9.53 -24.94
CA GLY C 495 -10.35 10.57 -25.41
C GLY C 495 -10.12 11.01 -26.85
N PRO C 496 -10.73 12.14 -27.22
CA PRO C 496 -10.64 12.59 -28.62
C PRO C 496 -9.22 12.87 -29.08
N THR C 497 -8.26 13.00 -28.15
CA THR C 497 -6.87 13.20 -28.56
C THR C 497 -6.38 12.00 -29.36
N LYS C 498 -6.84 10.80 -29.00
CA LYS C 498 -6.53 9.61 -29.79
C LYS C 498 -7.16 9.70 -31.18
N ASN C 499 -8.40 10.17 -31.26
CA ASN C 499 -9.12 10.18 -32.53
C ASN C 499 -8.42 11.07 -33.55
N LEU C 500 -7.89 12.22 -33.11
CA LEU C 500 -7.22 13.12 -34.04
C LEU C 500 -5.96 12.50 -34.63
N PHE C 501 -5.33 11.57 -33.93
CA PHE C 501 -4.05 11.01 -34.36
C PHE C 501 -4.15 10.12 -35.59
N ILE C 502 -5.36 9.78 -36.05
CA ILE C 502 -5.51 8.84 -37.17
C ILE C 502 -4.94 9.43 -38.45
N ASP C 503 -4.87 10.76 -38.54
CA ASP C 503 -4.48 11.41 -39.78
C ASP C 503 -2.96 11.50 -39.96
N TYR C 504 -2.18 11.09 -38.96
CA TYR C 504 -0.75 11.37 -38.97
C TYR C 504 0.07 10.10 -39.17
N VAL C 505 -0.57 9.01 -39.58
CA VAL C 505 0.10 7.71 -39.68
C VAL C 505 1.10 7.70 -40.83
N GLY C 506 0.76 8.32 -41.95
CA GLY C 506 1.72 8.42 -43.04
C GLY C 506 2.87 9.35 -42.72
N ASP C 507 2.56 10.52 -42.17
CA ASP C 507 3.61 11.49 -41.85
C ASP C 507 4.57 10.94 -40.81
N LEU C 508 4.05 10.24 -39.80
CA LEU C 508 4.92 9.56 -38.86
C LEU C 508 5.65 8.40 -39.50
N ALA C 509 4.93 7.62 -40.33
CA ALA C 509 5.48 6.40 -40.89
C ALA C 509 6.63 6.67 -41.86
N ALA C 510 6.66 7.86 -42.46
CA ALA C 510 7.77 8.20 -43.35
C ALA C 510 9.09 8.18 -42.59
N GLN C 511 9.13 8.80 -41.41
CA GLN C 511 10.36 8.86 -40.64
C GLN C 511 10.64 7.58 -39.88
N ILE C 512 9.72 6.61 -39.91
CA ILE C 512 9.95 5.33 -39.25
C ILE C 512 11.01 4.49 -39.94
N SER C 513 11.35 4.81 -41.18
CA SER C 513 12.27 3.98 -41.94
C SER C 513 13.73 4.28 -41.62
N SER C 514 14.08 4.31 -40.34
CA SER C 514 15.45 4.44 -39.87
C SER C 514 16.22 5.53 -40.62
N ASP C 515 15.76 6.76 -40.47
CA ASP C 515 16.31 7.89 -41.21
C ASP C 515 17.17 8.83 -40.38
N GLU C 516 16.77 9.16 -39.15
CA GLU C 516 17.46 10.15 -38.34
C GLU C 516 17.85 9.54 -37.00
N GLU C 517 19.02 8.91 -36.96
CA GLU C 517 19.57 8.31 -35.75
C GLU C 517 18.59 7.34 -35.10
N GLU C 518 18.78 7.06 -33.81
CA GLU C 518 17.90 6.16 -33.09
C GLU C 518 16.99 6.88 -32.10
N GLU C 519 17.45 7.97 -31.50
CA GLU C 519 16.67 8.70 -30.52
C GLU C 519 15.42 9.35 -31.11
N PHE C 520 15.29 9.37 -32.42
CA PHE C 520 14.11 9.92 -33.08
C PHE C 520 13.10 8.84 -33.46
N VAL C 521 13.57 7.68 -33.93
CA VAL C 521 12.66 6.67 -34.45
C VAL C 521 11.81 6.08 -33.34
N ILE C 522 12.38 5.94 -32.13
CA ILE C 522 11.65 5.32 -31.03
C ILE C 522 10.39 6.11 -30.71
N GLU C 523 10.51 7.44 -30.63
CA GLU C 523 9.36 8.25 -30.27
C GLU C 523 8.26 8.16 -31.34
N CYS C 524 8.64 8.22 -32.61
CA CYS C 524 7.65 8.10 -33.67
C CYS C 524 6.96 6.76 -33.62
N LEU C 525 7.75 5.68 -33.45
CA LEU C 525 7.20 4.34 -33.39
C LEU C 525 6.23 4.20 -32.23
N GLY C 526 6.64 4.66 -31.05
CA GLY C 526 5.79 4.53 -29.87
C GLY C 526 4.53 5.38 -29.97
N THR C 527 4.66 6.58 -30.54
CA THR C 527 3.48 7.40 -30.76
C THR C 527 2.49 6.69 -31.66
N LEU C 528 3.00 6.02 -32.70
CA LEU C 528 2.11 5.26 -33.56
C LEU C 528 1.51 4.08 -32.81
N ALA C 529 2.28 3.42 -31.96
CA ALA C 529 1.81 2.21 -31.29
C ALA C 529 0.60 2.49 -30.42
N ASN C 530 0.64 3.57 -29.66
CA ASN C 530 -0.47 3.91 -28.78
C ASN C 530 -1.71 4.33 -29.53
N LEU C 531 -1.66 4.39 -30.86
CA LEU C 531 -2.79 4.83 -31.67
C LEU C 531 -3.64 3.59 -31.96
N THR C 532 -4.44 3.22 -30.97
CA THR C 532 -5.25 2.00 -31.02
C THR C 532 -6.70 2.40 -31.21
N ILE C 533 -7.12 2.50 -32.47
CA ILE C 533 -8.53 2.67 -32.82
C ILE C 533 -8.93 1.44 -33.63
N PRO C 534 -9.89 0.65 -33.14
CA PRO C 534 -10.20 -0.62 -33.82
C PRO C 534 -10.72 -0.45 -35.25
N ASP C 535 -11.23 0.74 -35.61
CA ASP C 535 -11.83 0.94 -36.92
C ASP C 535 -10.83 1.31 -38.00
N LEU C 536 -9.57 1.54 -37.65
CA LEU C 536 -8.60 2.03 -38.63
C LEU C 536 -7.90 0.84 -39.27
N ASP C 537 -8.00 0.76 -40.59
CA ASP C 537 -7.39 -0.31 -41.37
C ASP C 537 -5.93 0.02 -41.62
N TRP C 538 -5.03 -0.82 -41.12
CA TRP C 538 -3.61 -0.53 -41.10
C TRP C 538 -2.84 -1.13 -42.27
N GLU C 539 -3.47 -1.96 -43.12
CA GLU C 539 -2.69 -2.67 -44.11
C GLU C 539 -2.10 -1.72 -45.16
N LEU C 540 -2.81 -0.63 -45.45
CA LEU C 540 -2.26 0.35 -46.38
C LEU C 540 -0.97 0.92 -45.84
N VAL C 541 -0.95 1.25 -44.55
CA VAL C 541 0.23 1.81 -43.92
C VAL C 541 1.37 0.81 -43.95
N LEU C 542 1.09 -0.45 -43.67
CA LEU C 542 2.13 -1.46 -43.67
C LEU C 542 2.69 -1.74 -45.06
N LYS C 543 1.88 -1.69 -46.11
CA LYS C 543 2.43 -1.96 -47.42
C LYS C 543 3.11 -0.74 -48.05
N GLU C 544 2.59 0.46 -47.79
CA GLU C 544 3.24 1.67 -48.31
C GLU C 544 4.49 1.99 -47.51
N TYR C 545 4.41 1.85 -46.18
CA TYR C 545 5.42 2.34 -45.25
C TYR C 545 5.58 1.29 -44.16
N LYS C 546 6.17 1.69 -43.04
CA LYS C 546 6.26 0.93 -41.80
C LYS C 546 7.25 -0.23 -41.89
N LEU C 547 7.73 -0.52 -43.10
CA LEU C 547 8.84 -1.44 -43.33
C LEU C 547 8.65 -2.73 -42.52
N VAL C 548 7.66 -3.50 -42.91
CA VAL C 548 7.36 -4.79 -42.29
C VAL C 548 8.63 -5.66 -42.25
N PRO C 549 9.45 -5.70 -43.30
CA PRO C 549 10.76 -6.37 -43.16
C PRO C 549 11.60 -5.82 -42.02
N PHE C 550 11.58 -4.50 -41.81
CA PHE C 550 12.32 -3.95 -40.68
C PHE C 550 11.64 -4.26 -39.35
N LEU C 551 10.32 -4.39 -39.34
CA LEU C 551 9.64 -4.87 -38.14
C LEU C 551 10.13 -6.26 -37.77
N LYS C 552 10.27 -7.13 -38.77
CA LYS C 552 10.80 -8.47 -38.50
C LYS C 552 12.27 -8.41 -38.10
N ASP C 553 13.05 -7.56 -38.76
CA ASP C 553 14.48 -7.48 -38.46
C ASP C 553 14.73 -6.99 -37.04
N LYS C 554 13.95 -6.01 -36.59
CA LYS C 554 14.14 -5.46 -35.25
C LYS C 554 13.86 -6.48 -34.16
N LEU C 555 13.05 -7.50 -34.45
CA LEU C 555 12.77 -8.52 -33.45
C LEU C 555 13.95 -9.43 -33.18
N LYS C 556 15.01 -9.34 -33.96
CA LYS C 556 16.22 -10.11 -33.67
C LYS C 556 16.85 -9.59 -32.38
N PRO C 557 17.27 -10.47 -31.46
CA PRO C 557 17.87 -9.99 -30.21
C PRO C 557 19.13 -9.15 -30.42
N GLY C 558 19.91 -9.46 -31.45
CA GLY C 558 21.13 -8.73 -31.75
C GLY C 558 20.97 -7.58 -32.72
N ALA C 559 19.73 -7.16 -33.00
CA ALA C 559 19.52 -6.08 -33.96
C ALA C 559 19.75 -4.71 -33.34
N ALA C 560 18.92 -4.35 -32.36
CA ALA C 560 18.96 -3.01 -31.79
C ALA C 560 18.78 -3.12 -30.27
N GLU C 561 18.74 -1.96 -29.61
CA GLU C 561 18.63 -1.93 -28.15
C GLU C 561 17.18 -2.14 -27.72
N ASP C 562 17.04 -2.69 -26.50
CA ASP C 562 15.82 -3.40 -26.12
C ASP C 562 14.57 -2.53 -26.17
N ASP C 563 14.70 -1.24 -25.90
CA ASP C 563 13.52 -0.38 -25.91
C ASP C 563 12.93 -0.27 -27.32
N LEU C 564 13.79 -0.14 -28.33
CA LEU C 564 13.30 -0.08 -29.70
C LEU C 564 12.60 -1.38 -30.09
N VAL C 565 13.17 -2.51 -29.68
CA VAL C 565 12.56 -3.81 -29.99
C VAL C 565 11.22 -3.96 -29.29
N LEU C 566 11.14 -3.51 -28.04
CA LEU C 566 9.88 -3.55 -27.31
C LEU C 566 8.84 -2.67 -27.98
N GLU C 567 9.26 -1.52 -28.49
CA GLU C 567 8.34 -0.66 -29.21
C GLU C 567 7.88 -1.32 -30.50
N VAL C 568 8.78 -2.03 -31.17
CA VAL C 568 8.41 -2.79 -32.36
C VAL C 568 7.37 -3.85 -31.99
N VAL C 569 7.53 -4.47 -30.83
CA VAL C 569 6.57 -5.48 -30.38
C VAL C 569 5.22 -4.85 -30.11
N ILE C 570 5.20 -3.67 -29.49
CA ILE C 570 3.95 -2.95 -29.31
C ILE C 570 3.33 -2.67 -30.68
N MET C 571 4.17 -2.35 -31.67
CA MET C 571 3.70 -2.13 -33.03
C MET C 571 3.08 -3.39 -33.62
N ILE C 572 3.74 -4.53 -33.44
CA ILE C 572 3.21 -5.79 -33.98
C ILE C 572 1.87 -6.10 -33.34
N GLY C 573 1.74 -5.80 -32.05
CA GLY C 573 0.45 -5.99 -31.39
C GLY C 573 -0.61 -5.04 -31.89
N THR C 574 -0.25 -3.79 -32.12
CA THR C 574 -1.23 -2.78 -32.48
C THR C 574 -1.58 -2.78 -33.96
N VAL C 575 -0.84 -3.51 -34.79
CA VAL C 575 -1.25 -3.65 -36.18
C VAL C 575 -2.18 -4.84 -36.35
N SER C 576 -2.44 -5.58 -35.27
CA SER C 576 -3.12 -6.86 -35.36
C SER C 576 -4.60 -6.79 -35.04
N MET C 577 -5.14 -5.63 -34.68
CA MET C 577 -6.59 -5.55 -34.54
C MET C 577 -7.30 -5.44 -35.87
N ASP C 578 -6.55 -5.28 -36.97
CA ASP C 578 -7.11 -5.26 -38.30
C ASP C 578 -6.98 -6.64 -38.93
N ASP C 579 -8.07 -7.13 -39.50
CA ASP C 579 -8.07 -8.47 -40.08
C ASP C 579 -7.24 -8.55 -41.34
N SER C 580 -7.20 -7.47 -42.13
CA SER C 580 -6.51 -7.52 -43.42
C SER C 580 -5.02 -7.80 -43.25
N CYS C 581 -4.43 -7.37 -42.14
CA CYS C 581 -3.02 -7.62 -41.90
C CYS C 581 -2.76 -8.98 -41.27
N ALA C 582 -3.81 -9.75 -40.95
CA ALA C 582 -3.60 -11.04 -40.33
C ALA C 582 -2.84 -11.99 -41.26
N ALA C 583 -3.23 -12.02 -42.54
CA ALA C 583 -2.54 -12.90 -43.49
C ALA C 583 -1.11 -12.46 -43.71
N LEU C 584 -0.88 -11.15 -43.79
CA LEU C 584 0.48 -10.64 -43.91
C LEU C 584 1.33 -11.04 -42.72
N LEU C 585 0.78 -10.89 -41.51
CA LEU C 585 1.54 -11.21 -40.30
C LEU C 585 1.82 -12.70 -40.22
N ALA C 586 0.86 -13.53 -40.62
CA ALA C 586 1.07 -14.97 -40.61
C ALA C 586 2.15 -15.37 -41.60
N LYS C 587 2.15 -14.75 -42.78
CA LYS C 587 3.12 -15.12 -43.80
C LYS C 587 4.51 -14.56 -43.53
N SER C 588 4.60 -13.44 -42.83
CA SER C 588 5.84 -12.67 -42.76
C SER C 588 6.93 -13.35 -41.95
N GLY C 589 6.61 -14.42 -41.22
CA GLY C 589 7.60 -15.02 -40.34
C GLY C 589 7.89 -14.23 -39.10
N ILE C 590 6.97 -13.33 -38.72
CA ILE C 590 7.13 -12.56 -37.49
C ILE C 590 6.96 -13.46 -36.27
N ILE C 591 6.10 -14.47 -36.37
CA ILE C 591 5.83 -15.33 -35.21
C ILE C 591 7.07 -16.06 -34.71
N PRO C 592 7.90 -16.67 -35.57
CA PRO C 592 9.16 -17.23 -35.04
C PRO C 592 10.04 -16.19 -34.36
N ALA C 593 10.11 -14.97 -34.88
CA ALA C 593 10.91 -13.94 -34.23
C ALA C 593 10.34 -13.56 -32.87
N LEU C 594 9.01 -13.46 -32.77
CA LEU C 594 8.38 -13.19 -31.48
C LEU C 594 8.65 -14.30 -30.49
N ILE C 595 8.58 -15.56 -30.95
CA ILE C 595 8.82 -16.68 -30.06
C ILE C 595 10.26 -16.70 -29.58
N GLU C 596 11.21 -16.45 -30.49
CA GLU C 596 12.63 -16.41 -30.10
C GLU C 596 12.88 -15.25 -29.14
N LEU C 597 12.21 -14.12 -29.36
CA LEU C 597 12.34 -12.99 -28.43
C LEU C 597 11.80 -13.34 -27.05
N LEU C 598 10.65 -14.01 -27.00
CA LEU C 598 10.08 -14.43 -25.73
C LEU C 598 11.01 -15.39 -25.00
N ASN C 599 11.59 -16.33 -25.75
CA ASN C 599 12.52 -17.28 -25.14
C ASN C 599 13.77 -16.56 -24.63
N ALA C 600 14.27 -15.58 -25.37
CA ALA C 600 15.49 -14.89 -24.98
C ALA C 600 15.25 -13.77 -23.97
N GLN C 601 14.00 -13.38 -23.74
CA GLN C 601 13.66 -12.30 -22.83
C GLN C 601 12.48 -12.73 -21.94
N GLN C 602 12.61 -13.91 -21.34
CA GLN C 602 11.62 -14.40 -20.39
C GLN C 602 11.87 -13.93 -18.98
N GLU C 603 13.03 -13.32 -18.70
CA GLU C 603 13.35 -12.91 -17.34
C GLU C 603 12.51 -11.71 -16.92
N ASP C 604 12.40 -10.70 -17.78
CA ASP C 604 11.71 -9.46 -17.45
C ASP C 604 10.23 -9.58 -17.79
N ASP C 605 9.40 -9.24 -16.81
CA ASP C 605 7.96 -9.41 -16.96
C ASP C 605 7.37 -8.50 -18.02
N GLU C 606 8.04 -7.40 -18.37
CA GLU C 606 7.47 -6.48 -19.34
C GLU C 606 7.48 -7.10 -20.74
N PHE C 607 8.61 -7.65 -21.16
CA PHE C 607 8.68 -8.29 -22.48
C PHE C 607 7.73 -9.45 -22.57
N VAL C 608 7.69 -10.28 -21.51
CA VAL C 608 6.80 -11.43 -21.52
C VAL C 608 5.34 -10.98 -21.61
N CYS C 609 4.97 -10.00 -20.80
CA CYS C 609 3.59 -9.54 -20.81
C CYS C 609 3.20 -8.98 -22.16
N GLN C 610 4.08 -8.18 -22.77
CA GLN C 610 3.73 -7.55 -24.03
C GLN C 610 3.71 -8.55 -25.18
N ILE C 611 4.66 -9.49 -25.23
CA ILE C 611 4.64 -10.51 -26.27
C ILE C 611 3.41 -11.38 -26.15
N ILE C 612 3.08 -11.82 -24.93
CA ILE C 612 1.90 -12.62 -24.75
C ILE C 612 0.66 -11.81 -25.08
N TYR C 613 0.72 -10.49 -24.89
CA TYR C 613 -0.42 -9.68 -25.28
C TYR C 613 -0.52 -9.55 -26.79
N VAL C 614 0.61 -9.56 -27.50
CA VAL C 614 0.58 -9.63 -28.95
C VAL C 614 -0.06 -10.92 -29.40
N PHE C 615 0.28 -12.03 -28.74
CA PHE C 615 -0.34 -13.32 -29.03
C PHE C 615 -1.84 -13.26 -28.79
N TYR C 616 -2.25 -12.59 -27.72
CA TYR C 616 -3.67 -12.39 -27.47
C TYR C 616 -4.33 -11.57 -28.58
N GLN C 617 -3.74 -10.42 -28.93
CA GLN C 617 -4.15 -9.70 -30.14
C GLN C 617 -4.40 -10.64 -31.31
N MET C 618 -3.41 -11.47 -31.61
CA MET C 618 -3.21 -12.05 -32.91
C MET C 618 -3.78 -13.45 -33.04
N VAL C 619 -4.34 -14.01 -31.96
CA VAL C 619 -4.92 -15.34 -32.07
C VAL C 619 -6.27 -15.29 -32.76
N PHE C 620 -7.21 -14.49 -32.26
CA PHE C 620 -8.60 -14.69 -32.66
C PHE C 620 -8.98 -13.95 -33.93
N HIS C 621 -8.03 -13.71 -34.83
CA HIS C 621 -8.30 -13.14 -36.14
C HIS C 621 -8.45 -14.20 -37.23
N GLN C 622 -8.51 -15.47 -36.86
CA GLN C 622 -8.92 -16.63 -37.66
C GLN C 622 -7.83 -17.04 -38.66
N ALA C 623 -6.84 -16.21 -38.91
CA ALA C 623 -5.76 -16.57 -39.81
C ALA C 623 -4.47 -16.91 -39.09
N THR C 624 -4.14 -16.21 -38.01
CA THR C 624 -2.96 -16.51 -37.23
C THR C 624 -3.23 -17.50 -36.10
N ARG C 625 -4.51 -17.76 -35.80
CA ARG C 625 -4.85 -18.80 -34.83
C ARG C 625 -4.28 -20.13 -35.25
N ASP C 626 -4.48 -20.50 -36.51
CA ASP C 626 -3.99 -21.79 -36.98
C ASP C 626 -2.48 -21.86 -36.88
N VAL C 627 -1.78 -20.79 -37.23
CA VAL C 627 -0.32 -20.80 -37.17
C VAL C 627 0.14 -20.98 -35.73
N ILE C 628 -0.44 -20.20 -34.82
CA ILE C 628 -0.02 -20.27 -33.42
C ILE C 628 -0.30 -21.65 -32.84
N ILE C 629 -1.48 -22.20 -33.13
CA ILE C 629 -1.86 -23.49 -32.56
C ILE C 629 -0.96 -24.60 -33.08
N LYS C 630 -0.78 -24.66 -34.40
CA LYS C 630 -0.29 -25.88 -35.03
C LYS C 630 1.14 -25.81 -35.56
N GLU C 631 1.66 -24.62 -35.82
CA GLU C 631 3.01 -24.48 -36.35
C GLU C 631 4.03 -24.14 -35.28
N THR C 632 3.64 -23.32 -34.30
CA THR C 632 4.54 -22.85 -33.27
C THR C 632 4.21 -23.47 -31.92
N GLN C 633 5.19 -23.47 -31.03
CA GLN C 633 5.04 -23.99 -29.67
C GLN C 633 4.60 -22.91 -28.69
N ALA C 634 3.96 -21.85 -29.17
CA ALA C 634 3.53 -20.77 -28.29
C ALA C 634 2.59 -21.21 -27.19
N PRO C 635 1.55 -22.00 -27.45
CA PRO C 635 0.65 -22.39 -26.34
C PRO C 635 1.36 -23.18 -25.26
N ALA C 636 2.43 -23.90 -25.59
CA ALA C 636 3.24 -24.54 -24.56
C ALA C 636 3.92 -23.50 -23.66
N TYR C 637 4.47 -22.44 -24.27
CA TYR C 637 5.05 -21.36 -23.48
C TYR C 637 4.00 -20.64 -22.67
N LEU C 638 2.74 -20.68 -23.11
CA LEU C 638 1.65 -20.14 -22.31
C LEU C 638 1.29 -21.08 -21.17
N ILE C 639 1.40 -22.39 -21.38
CA ILE C 639 1.15 -23.36 -20.31
C ILE C 639 2.21 -23.23 -19.21
N ASP C 640 3.47 -23.06 -19.60
CA ASP C 640 4.56 -23.07 -18.63
C ASP C 640 4.40 -22.00 -17.57
N LEU C 641 3.89 -20.83 -17.95
CA LEU C 641 3.78 -19.73 -17.00
C LEU C 641 2.35 -19.24 -16.90
N MET C 642 1.41 -20.16 -16.77
CA MET C 642 0.01 -19.78 -16.61
C MET C 642 -0.20 -18.99 -15.34
N HIS C 643 0.46 -19.39 -14.25
CA HIS C 643 0.33 -18.76 -12.94
C HIS C 643 1.70 -18.24 -12.54
N ASP C 644 2.01 -17.00 -12.92
CA ASP C 644 3.27 -16.40 -12.55
C ASP C 644 3.06 -15.41 -11.41
N LYS C 645 4.18 -14.84 -10.93
CA LYS C 645 4.12 -13.93 -9.79
C LYS C 645 3.30 -12.69 -10.10
N ASN C 646 3.48 -12.12 -11.29
CA ASN C 646 2.83 -10.86 -11.63
C ASN C 646 1.38 -11.13 -12.01
N ASN C 647 0.49 -10.25 -11.53
CA ASN C 647 -0.93 -10.44 -11.79
C ASN C 647 -1.25 -10.27 -13.27
N GLU C 648 -0.64 -9.28 -13.92
CA GLU C 648 -1.00 -8.96 -15.30
C GLU C 648 -0.54 -10.04 -16.28
N ILE C 649 0.68 -10.56 -16.11
CA ILE C 649 1.18 -11.58 -17.02
C ILE C 649 0.32 -12.82 -16.92
N ARG C 650 -0.07 -13.19 -15.70
CA ARG C 650 -0.95 -14.34 -15.49
C ARG C 650 -2.33 -14.09 -16.08
N LYS C 651 -2.85 -12.87 -15.93
CA LYS C 651 -4.17 -12.57 -16.48
C LYS C 651 -4.17 -12.68 -18.00
N VAL C 652 -3.11 -12.17 -18.64
CA VAL C 652 -3.01 -12.25 -20.09
C VAL C 652 -2.87 -13.70 -20.54
N CYS C 653 -2.04 -14.50 -19.84
CA CYS C 653 -1.93 -15.91 -20.19
C CYS C 653 -3.27 -16.61 -20.07
N ASP C 654 -4.01 -16.31 -19.00
CA ASP C 654 -5.30 -16.96 -18.80
C ASP C 654 -6.27 -16.61 -19.91
N ASN C 655 -6.34 -15.33 -20.28
CA ASN C 655 -7.29 -14.93 -21.33
C ASN C 655 -6.89 -15.52 -22.69
N THR C 656 -5.61 -15.53 -23.00
CA THR C 656 -5.17 -16.10 -24.28
C THR C 656 -5.42 -17.61 -24.34
N LEU C 657 -5.15 -18.33 -23.25
CA LEU C 657 -5.40 -19.76 -23.26
C LEU C 657 -6.89 -20.07 -23.25
N ASP C 658 -7.70 -19.22 -22.62
CA ASP C 658 -9.14 -19.36 -22.71
C ASP C 658 -9.62 -19.18 -24.15
N ILE C 659 -9.01 -18.25 -24.88
CA ILE C 659 -9.37 -18.09 -26.28
C ILE C 659 -8.87 -19.26 -27.12
N ILE C 660 -7.71 -19.83 -26.77
CA ILE C 660 -7.20 -21.00 -27.49
C ILE C 660 -8.10 -22.22 -27.31
N ALA C 661 -8.60 -22.45 -26.09
CA ALA C 661 -9.27 -23.72 -25.80
C ALA C 661 -10.48 -23.95 -26.68
N GLU C 662 -11.16 -22.88 -27.11
CA GLU C 662 -12.39 -23.07 -27.87
C GLU C 662 -12.13 -23.67 -29.24
N TYR C 663 -11.06 -23.24 -29.89
CA TYR C 663 -10.77 -23.68 -31.26
C TYR C 663 -9.89 -24.93 -31.31
N ASP C 664 -9.44 -25.43 -30.17
CA ASP C 664 -8.54 -26.59 -30.17
C ASP C 664 -8.76 -27.36 -28.87
N GLU C 665 -9.06 -28.65 -28.99
CA GLU C 665 -9.46 -29.43 -27.84
C GLU C 665 -8.28 -30.07 -27.12
N GLU C 666 -7.21 -30.40 -27.84
CA GLU C 666 -6.04 -31.00 -27.22
C GLU C 666 -5.37 -30.02 -26.26
N TRP C 667 -5.22 -28.77 -26.69
CA TRP C 667 -4.63 -27.78 -25.80
C TRP C 667 -5.57 -27.47 -24.65
N ALA C 668 -6.87 -27.62 -24.84
CA ALA C 668 -7.82 -27.50 -23.72
C ALA C 668 -7.59 -28.59 -22.69
N LYS C 669 -7.42 -29.84 -23.14
CA LYS C 669 -7.16 -30.93 -22.21
C LYS C 669 -5.85 -30.71 -21.47
N LYS C 670 -4.81 -30.28 -22.19
CA LYS C 670 -3.56 -29.96 -21.51
C LYS C 670 -3.71 -28.78 -20.55
N ILE C 671 -4.59 -27.82 -20.88
CA ILE C 671 -4.82 -26.67 -20.02
C ILE C 671 -5.44 -27.09 -18.71
N GLN C 672 -6.34 -28.08 -18.75
CA GLN C 672 -6.84 -28.63 -17.50
C GLN C 672 -5.76 -29.39 -16.75
N SER C 673 -5.06 -30.30 -17.44
CA SER C 673 -4.11 -31.19 -16.79
C SER C 673 -3.00 -30.42 -16.07
N GLU C 674 -2.35 -29.52 -16.79
CA GLU C 674 -1.56 -28.50 -16.10
C GLU C 674 -2.51 -27.55 -15.41
N LYS C 675 -2.06 -26.99 -14.29
CA LYS C 675 -2.84 -26.17 -13.38
C LYS C 675 -3.84 -27.02 -12.60
N PHE C 676 -4.06 -28.28 -13.01
CA PHE C 676 -4.59 -29.22 -12.05
C PHE C 676 -3.49 -29.94 -11.30
N ARG C 677 -2.40 -30.24 -12.00
CA ARG C 677 -1.14 -30.63 -11.38
C ARG C 677 -0.50 -29.51 -10.59
N TRP C 678 -0.99 -28.29 -10.71
CA TRP C 678 -0.53 -27.16 -9.89
C TRP C 678 -1.50 -26.75 -8.81
N HIS C 679 -2.81 -26.76 -9.09
CA HIS C 679 -3.78 -26.34 -8.08
C HIS C 679 -3.78 -27.26 -6.86
N ASN C 680 -3.75 -28.57 -7.10
CA ASN C 680 -3.70 -29.55 -6.03
C ASN C 680 -2.39 -30.32 -6.08
N SER C 681 -1.28 -29.58 -6.22
CA SER C 681 0.02 -30.23 -6.42
C SER C 681 0.45 -31.04 -5.19
N GLN C 682 0.35 -30.44 -4.01
CA GLN C 682 0.76 -31.15 -2.79
C GLN C 682 -0.16 -32.34 -2.51
N TRP C 683 -1.44 -32.20 -2.84
CA TRP C 683 -2.39 -33.32 -2.77
C TRP C 683 -1.88 -34.51 -3.56
N LEU C 684 -1.52 -34.28 -4.84
CA LEU C 684 -1.05 -35.35 -5.70
C LEU C 684 0.28 -35.90 -5.23
N GLU C 685 1.16 -35.02 -4.74
CA GLU C 685 2.43 -35.48 -4.22
C GLU C 685 2.23 -36.40 -3.02
N MET C 686 1.27 -36.07 -2.16
CA MET C 686 0.98 -36.90 -1.00
C MET C 686 0.39 -38.25 -1.41
N VAL C 687 -0.49 -38.26 -2.41
CA VAL C 687 -1.01 -39.54 -2.88
C VAL C 687 0.10 -40.38 -3.50
N GLU C 688 0.95 -39.76 -4.31
CA GLU C 688 2.07 -40.46 -4.94
C GLU C 688 3.07 -40.93 -3.90
N GLY D 139 -36.22 -18.66 37.76
CA GLY D 139 -36.45 -20.06 37.41
C GLY D 139 -35.20 -20.90 37.48
N LEU D 140 -34.12 -20.40 36.88
CA LEU D 140 -32.85 -21.12 36.92
C LEU D 140 -32.37 -21.32 38.34
N GLN D 141 -32.42 -20.26 39.15
CA GLN D 141 -32.00 -20.37 40.55
C GLN D 141 -32.91 -21.31 41.32
N ALA D 142 -34.22 -21.26 41.06
CA ALA D 142 -35.15 -22.16 41.75
C ALA D 142 -34.86 -23.62 41.42
N ILE D 143 -34.62 -23.91 40.14
CA ILE D 143 -34.33 -25.28 39.73
C ILE D 143 -33.02 -25.75 40.33
N ALA D 144 -32.00 -24.89 40.31
CA ALA D 144 -30.71 -25.25 40.89
C ALA D 144 -30.83 -25.50 42.39
N GLU D 145 -31.60 -24.67 43.09
CA GLU D 145 -31.81 -24.86 44.52
C GLU D 145 -32.52 -26.18 44.79
N LEU D 146 -33.58 -26.47 44.04
CA LEU D 146 -34.30 -27.72 44.26
C LEU D 146 -33.38 -28.92 44.02
N LEU D 147 -32.59 -28.87 42.95
CA LEU D 147 -31.68 -29.97 42.64
C LEU D 147 -30.65 -30.15 43.74
N GLN D 148 -30.06 -29.06 44.22
CA GLN D 148 -29.01 -29.20 45.22
C GLN D 148 -29.57 -29.69 46.56
N VAL D 149 -30.76 -29.21 46.96
CA VAL D 149 -31.34 -29.68 48.21
C VAL D 149 -31.77 -31.14 48.09
N ASP D 150 -32.25 -31.55 46.91
CA ASP D 150 -32.57 -32.95 46.72
C ASP D 150 -31.32 -33.82 46.83
N CYS D 151 -30.24 -33.40 46.18
CA CYS D 151 -29.00 -34.19 46.22
C CYS D 151 -28.37 -34.17 47.60
N GLU D 152 -28.61 -33.12 48.39
CA GLU D 152 -28.09 -33.09 49.76
C GLU D 152 -28.92 -33.98 50.67
N MET D 153 -30.25 -33.98 50.51
CA MET D 153 -31.10 -34.69 51.46
C MET D 153 -31.28 -36.15 51.08
N TYR D 154 -30.87 -36.53 49.86
CA TYR D 154 -30.91 -37.93 49.49
C TYR D 154 -29.54 -38.51 49.14
N GLY D 155 -28.56 -37.67 48.83
CA GLY D 155 -27.24 -38.18 48.48
C GLY D 155 -27.29 -38.98 47.19
N LEU D 156 -26.46 -40.02 47.12
CA LEU D 156 -26.43 -40.92 45.97
C LEU D 156 -27.47 -42.00 46.19
N THR D 157 -28.63 -41.84 45.58
CA THR D 157 -29.74 -42.76 45.73
C THR D 157 -30.14 -43.36 44.39
N ASN D 158 -30.64 -44.59 44.42
CA ASN D 158 -31.09 -45.29 43.23
C ASN D 158 -32.59 -45.23 43.02
N ASP D 159 -33.31 -44.41 43.80
CA ASP D 159 -34.75 -44.30 43.62
C ASP D 159 -35.07 -43.72 42.25
N HIS D 160 -36.09 -44.29 41.60
CA HIS D 160 -36.41 -43.87 40.24
C HIS D 160 -36.97 -42.45 40.20
N TYR D 161 -37.81 -42.09 41.17
CA TYR D 161 -38.41 -40.76 41.17
C TYR D 161 -37.34 -39.68 41.36
N SER D 162 -36.39 -39.93 42.25
CA SER D 162 -35.29 -38.98 42.44
C SER D 162 -34.47 -38.86 41.15
N VAL D 163 -34.24 -39.98 40.48
CA VAL D 163 -33.49 -39.95 39.22
C VAL D 163 -34.24 -39.12 38.18
N THR D 164 -35.56 -39.29 38.10
CA THR D 164 -36.34 -38.52 37.13
C THR D 164 -36.36 -37.04 37.47
N LEU D 165 -36.47 -36.70 38.76
CA LEU D 165 -36.41 -35.31 39.17
C LEU D 165 -35.06 -34.69 38.80
N ARG D 166 -33.97 -35.42 39.06
CA ARG D 166 -32.65 -34.93 38.69
C ARG D 166 -32.50 -34.85 37.17
N ARG D 167 -33.17 -35.73 36.44
CA ARG D 167 -33.19 -35.63 34.99
C ARG D 167 -33.79 -34.31 34.56
N TYR D 168 -34.99 -34.01 35.08
CA TYR D 168 -35.66 -32.76 34.78
C TYR D 168 -34.76 -31.59 35.11
N ALA D 169 -34.18 -31.61 36.31
CA ALA D 169 -33.33 -30.48 36.72
C ALA D 169 -32.15 -30.32 35.79
N GLY D 170 -31.47 -31.41 35.43
CA GLY D 170 -30.29 -31.31 34.60
C GLY D 170 -30.59 -30.83 33.20
N MET D 171 -31.66 -31.34 32.59
CA MET D 171 -32.06 -30.84 31.28
C MET D 171 -32.47 -29.37 31.37
N ALA D 172 -33.14 -28.98 32.45
CA ALA D 172 -33.52 -27.59 32.62
C ALA D 172 -32.28 -26.71 32.70
N LEU D 173 -31.27 -27.10 33.47
CA LEU D 173 -30.06 -26.29 33.55
C LEU D 173 -29.36 -26.22 32.21
N THR D 174 -29.24 -27.35 31.50
CA THR D 174 -28.56 -27.32 30.21
C THR D 174 -29.28 -26.39 29.24
N ASN D 175 -30.62 -26.46 29.19
CA ASN D 175 -31.38 -25.59 28.31
C ASN D 175 -31.24 -24.13 28.72
N LEU D 176 -31.26 -23.86 30.02
CA LEU D 176 -31.26 -22.49 30.50
C LEU D 176 -29.90 -21.82 30.38
N THR D 177 -28.82 -22.59 30.52
CA THR D 177 -27.47 -22.05 30.50
C THR D 177 -26.88 -21.95 29.10
N PHE D 178 -27.60 -22.38 28.07
CA PHE D 178 -27.06 -22.42 26.73
C PHE D 178 -27.01 -21.01 26.15
N GLY D 179 -25.81 -20.47 26.00
CA GLY D 179 -25.62 -19.16 25.39
C GLY D 179 -25.87 -17.99 26.30
N ASP D 180 -26.17 -18.21 27.57
CA ASP D 180 -26.40 -17.14 28.53
C ASP D 180 -25.20 -17.07 29.46
N VAL D 181 -24.36 -16.05 29.26
CA VAL D 181 -23.21 -15.85 30.13
C VAL D 181 -23.67 -15.52 31.55
N ALA D 182 -24.70 -14.68 31.67
CA ALA D 182 -25.21 -14.32 32.98
C ALA D 182 -25.75 -15.53 33.72
N ASN D 183 -26.49 -16.40 33.04
CA ASN D 183 -26.99 -17.61 33.67
C ASN D 183 -25.85 -18.52 34.09
N LYS D 184 -24.80 -18.62 33.25
CA LYS D 184 -23.64 -19.43 33.61
C LYS D 184 -22.98 -18.89 34.87
N ALA D 185 -22.80 -17.58 34.95
CA ALA D 185 -22.18 -16.98 36.14
C ALA D 185 -23.04 -17.19 37.37
N THR D 186 -24.36 -17.04 37.23
CA THR D 186 -25.26 -17.25 38.35
C THR D 186 -25.21 -18.69 38.84
N LEU D 187 -25.19 -19.64 37.91
CA LEU D 187 -25.13 -21.05 38.31
C LEU D 187 -23.77 -21.38 38.94
N CYS D 188 -22.70 -20.75 38.45
CA CYS D 188 -21.38 -21.04 38.99
C CYS D 188 -21.10 -20.27 40.28
N SER D 189 -21.95 -19.31 40.63
CA SER D 189 -21.80 -18.64 41.92
C SER D 189 -22.31 -19.50 43.07
N MET D 190 -23.10 -20.53 42.78
CA MET D 190 -23.65 -21.42 43.80
C MET D 190 -22.72 -22.61 43.95
N LYS D 191 -21.83 -22.54 44.94
CA LYS D 191 -20.88 -23.63 45.15
C LYS D 191 -21.56 -24.92 45.58
N GLY D 192 -22.63 -24.81 46.37
CA GLY D 192 -23.35 -26.00 46.79
C GLY D 192 -23.99 -26.73 45.63
N CYS D 193 -24.44 -25.98 44.62
CA CYS D 193 -25.06 -26.60 43.45
C CYS D 193 -24.08 -27.55 42.76
N MET D 194 -22.88 -27.05 42.44
CA MET D 194 -21.93 -27.88 41.72
C MET D 194 -21.27 -28.91 42.62
N ARG D 195 -21.25 -28.65 43.93
CA ARG D 195 -20.82 -29.68 44.86
C ARG D 195 -21.79 -30.86 44.83
N ALA D 196 -23.09 -30.57 44.75
CA ALA D 196 -24.08 -31.62 44.56
C ALA D 196 -23.93 -32.27 43.18
N LEU D 197 -23.60 -31.47 42.17
CA LEU D 197 -23.52 -31.98 40.80
C LEU D 197 -22.38 -32.96 40.63
N VAL D 198 -21.20 -32.63 41.15
CA VAL D 198 -20.01 -33.44 40.89
C VAL D 198 -20.17 -34.82 41.53
N ALA D 199 -20.80 -34.89 42.69
CA ALA D 199 -21.03 -36.17 43.34
C ALA D 199 -21.95 -37.06 42.52
N GLN D 200 -22.82 -36.46 41.70
CA GLN D 200 -23.73 -37.25 40.88
C GLN D 200 -23.02 -38.06 39.80
N LEU D 201 -21.77 -37.70 39.46
CA LEU D 201 -21.03 -38.45 38.45
C LEU D 201 -20.78 -39.88 38.86
N LYS D 202 -20.78 -40.17 40.16
CA LYS D 202 -20.50 -41.51 40.66
C LYS D 202 -21.74 -42.37 40.79
N SER D 203 -22.91 -41.85 40.42
CA SER D 203 -24.14 -42.63 40.50
C SER D 203 -24.15 -43.73 39.45
N GLU D 204 -24.95 -44.77 39.71
CA GLU D 204 -24.98 -45.92 38.82
C GLU D 204 -25.66 -45.63 37.50
N SER D 205 -26.55 -44.62 37.45
CA SER D 205 -27.25 -44.29 36.21
C SER D 205 -26.33 -43.49 35.30
N GLU D 206 -26.04 -44.04 34.12
CA GLU D 206 -25.15 -43.35 33.19
C GLU D 206 -25.84 -42.17 32.52
N ASP D 207 -27.17 -42.15 32.49
CA ASP D 207 -27.87 -40.97 32.01
C ASP D 207 -27.62 -39.78 32.92
N LEU D 208 -27.58 -40.01 34.23
CA LEU D 208 -27.18 -38.96 35.15
C LEU D 208 -25.76 -38.49 34.86
N GLN D 209 -24.85 -39.42 34.57
CA GLN D 209 -23.49 -39.05 34.23
C GLN D 209 -23.46 -38.15 33.00
N GLN D 210 -24.22 -38.52 31.97
CA GLN D 210 -24.25 -37.74 30.74
C GLN D 210 -24.83 -36.35 30.98
N VAL D 211 -25.90 -36.25 31.77
CA VAL D 211 -26.53 -34.95 31.99
C VAL D 211 -25.62 -34.05 32.82
N ILE D 212 -24.97 -34.61 33.84
CA ILE D 212 -24.02 -33.81 34.61
C ILE D 212 -22.86 -33.37 33.73
N ALA D 213 -22.43 -34.24 32.82
CA ALA D 213 -21.35 -33.88 31.91
C ALA D 213 -21.77 -32.72 31.00
N SER D 214 -23.00 -32.76 30.50
CA SER D 214 -23.48 -31.66 29.66
C SER D 214 -23.57 -30.36 30.45
N VAL D 215 -24.03 -30.44 31.71
CA VAL D 215 -24.13 -29.25 32.53
C VAL D 215 -22.74 -28.66 32.76
N LEU D 216 -21.76 -29.51 33.08
CA LEU D 216 -20.40 -29.01 33.26
C LEU D 216 -19.81 -28.49 31.96
N ARG D 217 -20.20 -29.09 30.83
CA ARG D 217 -19.82 -28.56 29.52
C ARG D 217 -20.26 -27.12 29.37
N ASN D 218 -21.56 -26.87 29.57
CA ASN D 218 -22.07 -25.52 29.34
C ASN D 218 -21.61 -24.55 30.42
N LEU D 219 -21.19 -25.06 31.59
CA LEU D 219 -20.59 -24.18 32.59
C LEU D 219 -19.16 -23.80 32.22
N SER D 220 -18.41 -24.75 31.66
CA SER D 220 -17.00 -24.50 31.34
C SER D 220 -16.78 -23.82 29.99
N TRP D 221 -17.81 -23.74 29.14
CA TRP D 221 -17.64 -23.19 27.81
C TRP D 221 -17.54 -21.68 27.88
N ARG D 222 -16.35 -21.14 27.55
CA ARG D 222 -16.09 -19.71 27.57
C ARG D 222 -16.43 -19.09 28.91
N ALA D 223 -16.09 -19.80 29.98
CA ALA D 223 -16.34 -19.30 31.33
C ALA D 223 -15.37 -18.19 31.67
N ASP D 224 -15.78 -17.32 32.59
CA ASP D 224 -14.92 -16.24 33.05
C ASP D 224 -13.90 -16.77 34.05
N VAL D 225 -13.05 -15.86 34.55
CA VAL D 225 -11.98 -16.28 35.46
C VAL D 225 -12.57 -16.85 36.74
N ASN D 226 -13.55 -16.16 37.33
CA ASN D 226 -14.14 -16.61 38.58
C ASN D 226 -14.83 -17.96 38.40
N SER D 227 -15.60 -18.11 37.32
CA SER D 227 -16.30 -19.37 37.09
C SER D 227 -15.31 -20.51 36.84
N LYS D 228 -14.24 -20.25 36.10
CA LYS D 228 -13.23 -21.28 35.87
C LYS D 228 -12.56 -21.70 37.18
N LYS D 229 -12.19 -20.73 38.01
CA LYS D 229 -11.58 -21.05 39.29
C LYS D 229 -12.54 -21.83 40.18
N THR D 230 -13.82 -21.44 40.17
CA THR D 230 -14.80 -22.09 41.02
C THR D 230 -15.08 -23.52 40.54
N LEU D 231 -15.11 -23.73 39.22
CA LEU D 231 -15.23 -25.08 38.69
C LEU D 231 -14.02 -25.93 39.03
N ARG D 232 -12.83 -25.34 38.99
CA ARG D 232 -11.62 -26.07 39.37
C ARG D 232 -11.65 -26.43 40.85
N GLU D 233 -12.22 -25.56 41.68
CA GLU D 233 -12.19 -25.80 43.13
C GLU D 233 -13.01 -27.03 43.52
N VAL D 234 -14.16 -27.22 42.88
CA VAL D 234 -15.06 -28.32 43.27
C VAL D 234 -14.53 -29.65 42.72
N GLY D 235 -13.42 -29.60 41.99
CA GLY D 235 -12.79 -30.81 41.48
C GLY D 235 -13.63 -31.59 40.50
N SER D 236 -14.32 -30.90 39.59
CA SER D 236 -15.13 -31.59 38.59
C SER D 236 -14.26 -32.37 37.61
N VAL D 237 -13.03 -31.90 37.38
CA VAL D 237 -12.14 -32.54 36.40
C VAL D 237 -11.88 -33.99 36.80
N LYS D 238 -11.50 -34.21 38.06
CA LYS D 238 -11.13 -35.53 38.52
C LYS D 238 -12.30 -36.50 38.41
N ALA D 239 -13.46 -36.09 38.94
CA ALA D 239 -14.62 -36.98 38.96
C ALA D 239 -15.17 -37.21 37.56
N LEU D 240 -15.11 -36.20 36.70
CA LEU D 240 -15.50 -36.39 35.31
C LEU D 240 -14.60 -37.42 34.64
N MET D 241 -13.29 -37.22 34.69
CA MET D 241 -12.39 -38.02 33.88
C MET D 241 -12.29 -39.44 34.43
N GLU D 242 -12.38 -39.60 35.74
CA GLU D 242 -12.50 -40.94 36.29
C GLU D 242 -13.76 -41.62 35.79
N CYS D 243 -14.86 -40.87 35.75
CA CYS D 243 -16.14 -41.44 35.35
C CYS D 243 -16.12 -41.92 33.90
N ALA D 244 -15.35 -41.24 33.05
CA ALA D 244 -15.27 -41.64 31.64
C ALA D 244 -14.73 -43.05 31.48
N LEU D 245 -13.80 -43.45 32.35
CA LEU D 245 -13.27 -44.81 32.31
C LEU D 245 -14.36 -45.84 32.55
N GLU D 246 -15.34 -45.51 33.38
CA GLU D 246 -16.42 -46.43 33.72
C GLU D 246 -17.65 -46.25 32.84
N VAL D 247 -17.65 -45.27 31.94
CA VAL D 247 -18.82 -45.04 31.10
C VAL D 247 -18.86 -46.09 29.99
N LYS D 248 -20.03 -46.72 29.83
CA LYS D 248 -20.24 -47.71 28.79
C LYS D 248 -21.03 -47.17 27.61
N LYS D 249 -22.00 -46.29 27.85
CA LYS D 249 -22.82 -45.76 26.77
C LYS D 249 -22.04 -44.74 25.95
N GLU D 250 -22.27 -44.77 24.63
CA GLU D 250 -21.56 -43.85 23.74
C GLU D 250 -21.94 -42.40 24.00
N SER D 251 -23.23 -42.14 24.22
CA SER D 251 -23.68 -40.77 24.42
C SER D 251 -23.08 -40.17 25.68
N THR D 252 -23.06 -40.94 26.76
CA THR D 252 -22.46 -40.46 28.00
C THR D 252 -20.98 -40.20 27.83
N LEU D 253 -20.27 -41.08 27.12
CA LEU D 253 -18.84 -40.88 26.90
C LEU D 253 -18.59 -39.63 26.08
N LYS D 254 -19.45 -39.37 25.08
CA LYS D 254 -19.31 -38.15 24.30
C LYS D 254 -19.49 -36.92 25.18
N SER D 255 -20.53 -36.93 26.03
CA SER D 255 -20.75 -35.78 26.90
C SER D 255 -19.57 -35.56 27.83
N VAL D 256 -19.07 -36.63 28.44
CA VAL D 256 -17.99 -36.49 29.42
C VAL D 256 -16.72 -36.01 28.75
N LEU D 257 -16.34 -36.62 27.63
CA LEU D 257 -15.10 -36.21 26.97
C LEU D 257 -15.21 -34.80 26.42
N SER D 258 -16.38 -34.41 25.91
CA SER D 258 -16.54 -33.04 25.44
C SER D 258 -16.44 -32.04 26.59
N ALA D 259 -17.04 -32.35 27.73
CA ALA D 259 -16.91 -31.48 28.89
C ALA D 259 -15.47 -31.37 29.33
N LEU D 260 -14.73 -32.49 29.29
CA LEU D 260 -13.31 -32.46 29.61
C LEU D 260 -12.55 -31.59 28.62
N TRP D 261 -12.89 -31.67 27.33
CA TRP D 261 -12.22 -30.86 26.33
C TRP D 261 -12.47 -29.37 26.57
N ASN D 262 -13.70 -29.01 26.94
CA ASN D 262 -13.97 -27.61 27.28
C ASN D 262 -13.15 -27.18 28.48
N LEU D 263 -13.07 -28.03 29.50
CA LEU D 263 -12.38 -27.66 30.73
C LEU D 263 -10.86 -27.69 30.56
N SER D 264 -10.34 -28.50 29.63
CA SER D 264 -8.91 -28.75 29.59
C SER D 264 -8.12 -27.53 29.13
N ALA D 265 -8.78 -26.53 28.56
CA ALA D 265 -8.09 -25.34 28.08
C ALA D 265 -8.11 -24.19 29.06
N HIS D 266 -8.67 -24.39 30.26
CA HIS D 266 -8.85 -23.28 31.20
C HIS D 266 -7.52 -22.86 31.82
N CYS D 267 -6.83 -23.80 32.46
CA CYS D 267 -5.54 -23.50 33.07
C CYS D 267 -4.79 -24.81 33.28
N THR D 268 -3.48 -24.69 33.50
CA THR D 268 -2.61 -25.86 33.53
C THR D 268 -2.96 -26.82 34.66
N GLU D 269 -3.69 -26.35 35.68
CA GLU D 269 -4.10 -27.23 36.75
C GLU D 269 -5.05 -28.31 36.25
N ASN D 270 -5.97 -27.95 35.34
CA ASN D 270 -6.87 -28.96 34.78
C ASN D 270 -6.09 -30.02 34.03
N LYS D 271 -5.08 -29.60 33.26
CA LYS D 271 -4.23 -30.56 32.58
C LYS D 271 -3.49 -31.44 33.57
N ALA D 272 -3.07 -30.86 34.71
CA ALA D 272 -2.41 -31.65 35.73
C ALA D 272 -3.34 -32.71 36.30
N ASP D 273 -4.58 -32.35 36.60
CA ASP D 273 -5.53 -33.35 37.11
C ASP D 273 -5.81 -34.42 36.07
N ILE D 274 -5.89 -34.02 34.80
CA ILE D 274 -6.11 -35.00 33.74
C ILE D 274 -4.96 -35.98 33.66
N CYS D 275 -3.72 -35.48 33.73
CA CYS D 275 -2.55 -36.35 33.64
C CYS D 275 -2.28 -37.12 34.92
N ALA D 276 -2.96 -36.77 36.02
CA ALA D 276 -2.67 -37.41 37.30
C ALA D 276 -3.55 -38.63 37.59
N VAL D 277 -4.67 -38.81 36.90
CA VAL D 277 -5.52 -39.96 37.17
C VAL D 277 -4.84 -41.22 36.66
N ASP D 278 -5.00 -42.32 37.40
CA ASP D 278 -4.45 -43.61 36.97
C ASP D 278 -5.20 -44.10 35.73
N GLY D 279 -4.46 -44.60 34.74
CA GLY D 279 -5.05 -45.04 33.50
C GLY D 279 -5.69 -43.94 32.68
N ALA D 280 -5.17 -42.72 32.77
CA ALA D 280 -5.80 -41.58 32.11
C ALA D 280 -5.37 -41.47 30.65
N LEU D 281 -4.07 -41.33 30.42
CA LEU D 281 -3.57 -41.20 29.06
C LEU D 281 -3.79 -42.47 28.25
N ALA D 282 -3.70 -43.63 28.90
CA ALA D 282 -3.93 -44.89 28.20
C ALA D 282 -5.35 -44.97 27.65
N PHE D 283 -6.28 -44.24 28.26
CA PHE D 283 -7.63 -44.21 27.71
C PHE D 283 -7.81 -43.03 26.76
N LEU D 284 -7.12 -41.92 27.01
CA LEU D 284 -7.22 -40.78 26.10
C LEU D 284 -6.75 -41.17 24.70
N VAL D 285 -5.64 -41.92 24.62
CA VAL D 285 -5.20 -42.44 23.33
C VAL D 285 -6.18 -43.46 22.77
N GLY D 286 -6.97 -44.12 23.61
CA GLY D 286 -7.86 -45.15 23.12
C GLY D 286 -9.08 -44.59 22.41
N THR D 287 -9.40 -43.32 22.63
CA THR D 287 -10.54 -42.71 21.97
C THR D 287 -10.20 -42.24 20.57
N LEU D 288 -8.92 -42.16 20.21
CA LEU D 288 -8.54 -41.81 18.85
C LEU D 288 -8.94 -42.90 17.87
N THR D 289 -8.78 -44.17 18.25
CA THR D 289 -9.12 -45.29 17.39
C THR D 289 -10.53 -45.79 17.66
N TYR D 290 -11.36 -44.97 18.30
CA TYR D 290 -12.69 -45.39 18.69
C TYR D 290 -13.51 -45.71 17.45
N ARG D 291 -14.09 -46.90 17.42
CA ARG D 291 -15.02 -47.28 16.36
C ARG D 291 -16.42 -46.97 16.88
N SER D 292 -16.94 -45.82 16.50
CA SER D 292 -18.23 -45.37 16.99
C SER D 292 -19.36 -46.21 16.40
N GLN D 293 -20.37 -46.49 17.23
CA GLN D 293 -21.50 -47.29 16.79
C GLN D 293 -22.27 -46.59 15.68
N THR D 294 -22.52 -45.30 15.83
CA THR D 294 -23.29 -44.53 14.86
C THR D 294 -22.42 -43.80 13.85
N ASN D 295 -21.14 -44.16 13.76
CA ASN D 295 -20.21 -43.59 12.77
C ASN D 295 -20.10 -42.08 12.89
N THR D 296 -20.10 -41.56 14.11
CA THR D 296 -19.93 -40.14 14.35
C THR D 296 -18.49 -39.87 14.81
N LEU D 297 -17.97 -38.71 14.40
CA LEU D 297 -16.60 -38.33 14.71
C LEU D 297 -16.52 -37.31 15.85
N ALA D 298 -17.57 -37.20 16.67
CA ALA D 298 -17.54 -36.26 17.78
C ALA D 298 -16.51 -36.67 18.83
N ILE D 299 -16.54 -37.94 19.23
CA ILE D 299 -15.74 -38.38 20.35
C ILE D 299 -14.25 -38.35 20.00
N ILE D 300 -13.90 -38.72 18.76
CA ILE D 300 -12.50 -38.69 18.37
C ILE D 300 -11.99 -37.26 18.30
N GLU D 301 -12.84 -36.33 17.86
CA GLU D 301 -12.48 -34.91 17.88
C GLU D 301 -12.23 -34.46 19.32
N SER D 302 -13.11 -34.85 20.24
CA SER D 302 -12.93 -34.49 21.64
C SER D 302 -11.63 -35.04 22.18
N GLY D 303 -11.34 -36.30 21.87
CA GLY D 303 -10.12 -36.91 22.38
C GLY D 303 -8.87 -36.25 21.84
N GLY D 304 -8.86 -35.93 20.55
CA GLY D 304 -7.74 -35.21 19.98
C GLY D 304 -7.56 -33.84 20.62
N GLY D 305 -8.66 -33.13 20.85
CA GLY D 305 -8.56 -31.83 21.49
C GLY D 305 -8.02 -31.92 22.91
N ILE D 306 -8.50 -32.88 23.69
CA ILE D 306 -7.99 -33.06 25.05
C ILE D 306 -6.51 -33.42 25.00
N LEU D 307 -6.12 -34.32 24.11
CA LEU D 307 -4.72 -34.73 24.05
C LEU D 307 -3.83 -33.55 23.69
N ARG D 308 -4.25 -32.73 22.73
CA ARG D 308 -3.50 -31.53 22.40
C ARG D 308 -3.42 -30.59 23.59
N ASN D 309 -4.53 -30.42 24.32
CA ASN D 309 -4.53 -29.51 25.46
C ASN D 309 -3.57 -29.97 26.54
N VAL D 310 -3.57 -31.28 26.85
CA VAL D 310 -2.81 -31.79 27.98
C VAL D 310 -1.40 -32.21 27.59
N SER D 311 -1.07 -32.23 26.31
CA SER D 311 0.25 -32.65 25.90
C SER D 311 1.35 -31.69 26.31
N SER D 312 1.01 -30.47 26.70
CA SER D 312 2.03 -29.53 27.16
C SER D 312 2.74 -30.07 28.39
N LEU D 313 1.99 -30.66 29.32
CA LEU D 313 2.60 -31.35 30.45
C LEU D 313 3.18 -32.69 30.04
N ILE D 314 2.63 -33.32 28.98
CA ILE D 314 3.20 -34.55 28.47
C ILE D 314 4.55 -34.29 27.82
N ALA D 315 4.80 -33.06 27.39
CA ALA D 315 6.07 -32.73 26.77
C ALA D 315 7.20 -32.52 27.78
N THR D 316 6.89 -32.53 29.08
CA THR D 316 7.88 -32.22 30.10
C THR D 316 8.31 -33.42 30.92
N ASN D 317 7.56 -34.52 30.91
CA ASN D 317 7.88 -35.67 31.73
C ASN D 317 8.00 -36.92 30.86
N GLU D 318 9.07 -37.69 31.10
CA GLU D 318 9.36 -38.84 30.27
C GLU D 318 8.35 -39.96 30.48
N ASP D 319 7.79 -40.07 31.70
CA ASP D 319 6.87 -41.17 31.99
C ASP D 319 5.61 -41.09 31.13
N HIS D 320 5.02 -39.90 31.01
CA HIS D 320 3.83 -39.76 30.19
C HIS D 320 4.12 -40.06 28.73
N ARG D 321 5.26 -39.60 28.22
CA ARG D 321 5.63 -39.93 26.84
C ARG D 321 5.80 -41.44 26.67
N GLN D 322 6.41 -42.10 27.66
CA GLN D 322 6.60 -43.54 27.59
C GLN D 322 5.28 -44.28 27.53
N ILE D 323 4.35 -43.93 28.42
CA ILE D 323 3.05 -44.60 28.39
C ILE D 323 2.26 -44.22 27.14
N LEU D 324 2.60 -43.10 26.49
CA LEU D 324 2.06 -42.84 25.16
C LEU D 324 2.66 -43.79 24.13
N ARG D 325 3.99 -43.99 24.18
CA ARG D 325 4.64 -44.89 23.24
C ARG D 325 4.16 -46.33 23.41
N GLU D 326 3.69 -46.69 24.61
CA GLU D 326 3.27 -48.07 24.84
C GLU D 326 2.07 -48.44 23.96
N ASN D 327 1.27 -47.47 23.54
CA ASN D 327 0.10 -47.72 22.71
C ASN D 327 0.27 -47.26 21.28
N ASN D 328 1.47 -46.83 20.89
CA ASN D 328 1.75 -46.33 19.53
C ASN D 328 0.85 -45.14 19.20
N CYS D 329 0.92 -44.10 20.05
CA CYS D 329 0.07 -42.93 19.86
C CYS D 329 0.47 -42.14 18.61
N LEU D 330 1.77 -42.06 18.32
CA LEU D 330 2.23 -41.28 17.18
C LEU D 330 1.68 -41.84 15.87
N GLN D 331 1.53 -43.17 15.80
CA GLN D 331 0.98 -43.77 14.60
C GLN D 331 -0.46 -43.31 14.35
N THR D 332 -1.27 -43.24 15.41
CA THR D 332 -2.63 -42.76 15.25
C THR D 332 -2.68 -41.26 15.07
N LEU D 333 -1.63 -40.55 15.52
CA LEU D 333 -1.59 -39.10 15.30
C LEU D 333 -1.24 -38.75 13.86
N LEU D 334 -0.28 -39.45 13.26
CA LEU D 334 0.10 -39.15 11.88
C LEU D 334 -1.03 -39.43 10.91
N GLN D 335 -1.74 -40.55 11.10
CA GLN D 335 -2.86 -40.87 10.22
C GLN D 335 -3.95 -39.83 10.32
N HIS D 336 -4.08 -39.17 11.47
CA HIS D 336 -5.12 -38.16 11.65
C HIS D 336 -4.91 -36.96 10.74
N LEU D 337 -3.71 -36.78 10.17
CA LEU D 337 -3.49 -35.69 9.23
C LEU D 337 -4.29 -35.88 7.94
N LYS D 338 -4.47 -37.13 7.50
CA LYS D 338 -5.22 -37.44 6.30
C LYS D 338 -6.69 -37.64 6.56
N SER D 339 -7.18 -37.27 7.74
CA SER D 339 -8.50 -37.68 8.17
C SER D 339 -9.59 -36.93 7.43
N HIS D 340 -10.81 -37.46 7.53
CA HIS D 340 -11.95 -36.85 6.86
C HIS D 340 -12.32 -35.51 7.48
N SER D 341 -12.09 -35.32 8.78
CA SER D 341 -12.52 -34.12 9.47
C SER D 341 -11.37 -33.13 9.62
N LEU D 342 -11.64 -31.86 9.33
CA LEU D 342 -10.62 -30.82 9.48
C LEU D 342 -10.25 -30.59 10.94
N THR D 343 -11.22 -30.71 11.85
CA THR D 343 -10.93 -30.58 13.27
C THR D 343 -9.90 -31.61 13.70
N ILE D 344 -10.04 -32.83 13.21
CA ILE D 344 -9.10 -33.89 13.57
C ILE D 344 -7.70 -33.55 13.08
N VAL D 345 -7.59 -32.99 11.88
CA VAL D 345 -6.29 -32.59 11.36
C VAL D 345 -5.68 -31.51 12.22
N SER D 346 -6.48 -30.52 12.62
CA SER D 346 -5.96 -29.46 13.49
C SER D 346 -5.48 -30.02 14.82
N ASN D 347 -6.25 -30.92 15.40
CA ASN D 347 -5.85 -31.53 16.67
C ASN D 347 -4.55 -32.30 16.50
N ALA D 348 -4.43 -33.06 15.43
CA ALA D 348 -3.21 -33.85 15.20
C ALA D 348 -2.01 -32.95 15.00
N CYS D 349 -2.20 -31.83 14.29
CA CYS D 349 -1.09 -30.88 14.12
C CYS D 349 -0.67 -30.30 15.46
N GLY D 350 -1.64 -29.96 16.31
CA GLY D 350 -1.29 -29.47 17.64
C GLY D 350 -0.51 -30.49 18.45
N THR D 351 -0.97 -31.74 18.45
CA THR D 351 -0.24 -32.77 19.18
C THR D 351 1.16 -32.98 18.62
N LEU D 352 1.30 -33.01 17.30
CA LEU D 352 2.61 -33.21 16.71
C LEU D 352 3.54 -32.06 17.08
N TRP D 353 3.00 -30.84 17.12
CA TRP D 353 3.78 -29.70 17.59
C TRP D 353 4.26 -29.93 19.02
N ASN D 354 3.36 -30.38 19.89
CA ASN D 354 3.68 -30.47 21.31
C ASN D 354 4.67 -31.59 21.61
N LEU D 355 4.44 -32.79 21.06
CA LEU D 355 5.24 -33.93 21.48
C LEU D 355 6.62 -33.97 20.85
N SER D 356 6.76 -33.50 19.61
CA SER D 356 8.04 -33.66 18.93
C SER D 356 9.14 -32.77 19.50
N ALA D 357 8.80 -31.84 20.38
CA ALA D 357 9.76 -30.85 20.85
C ALA D 357 10.50 -31.33 22.10
N ARG D 358 11.82 -31.11 22.10
CA ARG D 358 12.67 -31.29 23.28
C ARG D 358 12.74 -32.74 23.74
N ASN D 359 12.92 -33.66 22.80
CA ASN D 359 13.29 -35.03 23.12
C ASN D 359 13.78 -35.76 21.87
N PRO D 360 14.89 -36.50 21.95
CA PRO D 360 15.39 -37.15 20.73
C PRO D 360 14.60 -38.37 20.33
N LYS D 361 14.08 -39.15 21.28
CA LYS D 361 13.51 -40.44 20.95
C LYS D 361 12.26 -40.30 20.10
N ASP D 362 11.32 -39.45 20.51
CA ASP D 362 10.11 -39.24 19.70
C ASP D 362 10.43 -38.58 18.38
N GLN D 363 11.44 -37.71 18.34
CA GLN D 363 11.84 -37.09 17.09
C GLN D 363 12.31 -38.14 16.09
N GLU D 364 13.20 -39.04 16.51
CA GLU D 364 13.68 -40.05 15.57
C GLU D 364 12.60 -41.07 15.25
N ALA D 365 11.69 -41.33 16.20
CA ALA D 365 10.57 -42.20 15.90
C ALA D 365 9.69 -41.60 14.81
N LEU D 366 9.40 -40.31 14.90
CA LEU D 366 8.62 -39.65 13.86
C LEU D 366 9.36 -39.63 12.54
N TRP D 367 10.68 -39.44 12.59
CA TRP D 367 11.50 -39.48 11.38
C TRP D 367 11.41 -40.84 10.69
N ASP D 368 11.41 -41.92 11.47
CA ASP D 368 11.36 -43.24 10.87
C ASP D 368 10.03 -43.49 10.14
N MET D 369 8.93 -42.96 10.65
CA MET D 369 7.62 -43.17 10.06
C MET D 369 7.28 -42.14 9.00
N GLY D 370 8.23 -41.28 8.65
CA GLY D 370 8.06 -40.37 7.53
C GLY D 370 7.14 -39.20 7.76
N ALA D 371 7.08 -38.69 8.99
CA ALA D 371 6.22 -37.54 9.27
C ALA D 371 6.64 -36.29 8.53
N VAL D 372 7.89 -36.22 8.06
CA VAL D 372 8.40 -35.00 7.46
C VAL D 372 7.66 -34.66 6.17
N SER D 373 7.25 -35.68 5.40
CA SER D 373 6.56 -35.41 4.14
C SER D 373 5.18 -34.82 4.39
N MET D 374 4.38 -35.41 5.28
CA MET D 374 3.03 -34.90 5.50
C MET D 374 3.04 -33.62 6.31
N LEU D 375 4.04 -33.41 7.16
CA LEU D 375 4.13 -32.15 7.90
C LEU D 375 4.52 -31.00 6.99
N LYS D 376 5.36 -31.28 5.98
CA LYS D 376 5.76 -30.23 5.04
C LYS D 376 4.61 -29.85 4.12
N ASN D 377 3.77 -30.82 3.75
CA ASN D 377 2.67 -30.56 2.84
C ASN D 377 1.57 -29.71 3.47
N LEU D 378 1.51 -29.64 4.80
CA LEU D 378 0.45 -28.94 5.51
C LEU D 378 0.83 -27.53 5.92
N ILE D 379 1.98 -27.03 5.47
CA ILE D 379 2.48 -25.74 5.93
C ILE D 379 1.54 -24.61 5.53
N HIS D 380 1.11 -24.61 4.27
CA HIS D 380 0.39 -23.48 3.71
C HIS D 380 -1.11 -23.55 3.91
N SER D 381 -1.59 -24.26 4.93
CA SER D 381 -3.02 -24.44 5.10
C SER D 381 -3.69 -23.11 5.45
N LYS D 382 -4.99 -23.02 5.15
CA LYS D 382 -5.72 -21.80 5.47
C LYS D 382 -6.04 -21.72 6.94
N HIS D 383 -6.37 -22.84 7.58
CA HIS D 383 -6.71 -22.83 8.99
C HIS D 383 -5.47 -22.52 9.83
N LYS D 384 -5.63 -21.59 10.78
CA LYS D 384 -4.48 -21.08 11.52
C LYS D 384 -3.82 -22.19 12.32
N MET D 385 -4.60 -22.92 13.12
CA MET D 385 -4.02 -23.92 14.00
C MET D 385 -3.28 -24.99 13.22
N ILE D 386 -3.86 -25.44 12.10
CA ILE D 386 -3.21 -26.44 11.26
C ILE D 386 -1.88 -25.92 10.75
N ALA D 387 -1.86 -24.68 10.27
CA ALA D 387 -0.64 -24.11 9.71
C ALA D 387 0.46 -24.02 10.77
N MET D 388 0.14 -23.43 11.92
CA MET D 388 1.17 -23.30 12.95
C MET D 388 1.65 -24.66 13.44
N GLY D 389 0.72 -25.59 13.66
CA GLY D 389 1.14 -26.91 14.13
C GLY D 389 2.06 -27.60 13.15
N SER D 390 1.68 -27.62 11.87
CA SER D 390 2.51 -28.29 10.88
C SER D 390 3.88 -27.62 10.76
N ALA D 391 3.89 -26.29 10.69
CA ALA D 391 5.16 -25.58 10.53
C ALA D 391 6.08 -25.81 11.71
N ALA D 392 5.53 -25.70 12.93
CA ALA D 392 6.36 -25.89 14.11
C ALA D 392 6.86 -27.33 14.21
N ALA D 393 6.00 -28.31 13.92
CA ALA D 393 6.44 -29.69 14.00
C ALA D 393 7.56 -29.97 13.01
N LEU D 394 7.43 -29.45 11.79
CA LEU D 394 8.51 -29.59 10.83
C LEU D 394 9.76 -28.85 11.28
N ARG D 395 9.59 -27.74 12.00
CA ARG D 395 10.75 -27.02 12.51
C ARG D 395 11.50 -27.84 13.55
N ASN D 396 10.76 -28.46 14.47
CA ASN D 396 11.41 -29.31 15.47
C ASN D 396 12.07 -30.51 14.81
N LEU D 397 11.42 -31.10 13.81
CA LEU D 397 12.03 -32.23 13.12
C LEU D 397 13.24 -31.79 12.29
N MET D 398 13.21 -30.56 11.76
CA MET D 398 14.31 -30.09 10.92
C MET D 398 15.58 -29.90 11.74
N ALA D 399 15.46 -29.44 12.98
CA ALA D 399 16.62 -29.17 13.82
C ALA D 399 17.33 -30.43 14.27
N ASN D 400 16.77 -31.61 14.00
CA ASN D 400 17.34 -32.89 14.43
C ASN D 400 17.56 -33.80 13.23
N ARG D 401 18.11 -33.23 12.15
CA ARG D 401 18.48 -34.04 11.00
C ARG D 401 19.66 -34.93 11.35
N PRO D 402 19.77 -36.11 10.73
CA PRO D 402 20.80 -37.08 11.13
C PRO D 402 22.20 -36.48 11.06
N ALA D 403 23.01 -36.77 12.05
CA ALA D 403 24.34 -36.18 12.17
C ALA D 403 25.32 -37.16 12.81
#